data_3ENI
#
_entry.id   3ENI
#
_cell.length_a   169.100
_cell.length_b   169.100
_cell.length_c   169.100
_cell.angle_alpha   90.00
_cell.angle_beta   90.00
_cell.angle_gamma   90.00
#
_symmetry.space_group_name_H-M   'P 43 3 2'
#
loop_
_entity.id
_entity.type
_entity.pdbx_description
1 polymer 'Bacteriochlorophyll a protein'
2 non-polymer 'BACTERIOCHLOROPHYLL A'
3 water water
#
_entity_poly.entity_id   1
_entity_poly.type   'polypeptide(L)'
_entity_poly.pdbx_seq_one_letter_code
;ALFGSNDVTTAHSDYEIVLEGGSSSWGKVKARAKVNAPPASPLLPADCDVKLNVKPLDPAKGFVRISAVFESIVDSTKNK
LTIEADIANETKERRISVGEGMVSVGDFSHTFSFEGSVVNLFYYRSDAVRRNVPNPIYMQGRQFHDILMKVPLDNNDLID
TWEGTVKAIGSTGAFNDWIRDFWFIGPAFTALNEGGQRISRIEVNGLNTESGPKGPVGVSRWRFSHGGSGMVDSISRWAE
LFPSDKLNRPAQVEAGFRSDSQGIEVKVDGEFPGVSVDAGGGLRRILNHPLIPLVHHGMVGKFNNFNVDAQLKVVLPKGY
KIRYAAPQYRSQNLEEYRWSGGAYARWVEHVCKGGVGQFEILYAQ
;
_entity_poly.pdbx_strand_id   A,C
#
loop_
_chem_comp.id
_chem_comp.type
_chem_comp.name
_chem_comp.formula
BCL non-polymer 'BACTERIOCHLOROPHYLL A' 'C55 H74 Mg N4 O6'
#
# COMPACT_ATOMS: atom_id res chain seq x y z
N VAL A 8 45.78 -1.13 -20.66
CA VAL A 8 44.37 -1.03 -21.02
C VAL A 8 43.60 -0.41 -19.86
N THR A 9 42.52 0.31 -20.16
CA THR A 9 41.71 0.89 -19.09
C THR A 9 40.68 -0.17 -18.70
N THR A 10 40.72 -0.57 -17.44
CA THR A 10 39.79 -1.58 -16.97
C THR A 10 39.08 -1.10 -15.75
N ALA A 11 37.78 -1.30 -15.71
CA ALA A 11 36.96 -1.02 -14.53
C ALA A 11 36.67 -2.38 -13.86
N HIS A 12 37.01 -2.54 -12.59
CA HIS A 12 36.75 -3.78 -11.82
C HIS A 12 35.74 -3.40 -10.77
N SER A 13 34.60 -4.06 -10.74
CA SER A 13 33.59 -3.75 -9.74
C SER A 13 32.92 -4.99 -9.22
N ASP A 14 32.40 -4.88 -8.01
CA ASP A 14 31.72 -5.98 -7.35
C ASP A 14 30.55 -5.39 -6.58
N TYR A 15 29.36 -5.90 -6.82
CA TYR A 15 28.16 -5.40 -6.13
C TYR A 15 27.45 -6.57 -5.47
N GLU A 16 26.89 -6.32 -4.31
CA GLU A 16 26.18 -7.38 -3.61
C GLU A 16 24.97 -6.82 -2.91
N ILE A 17 23.85 -7.51 -3.06
CA ILE A 17 22.61 -7.15 -2.40
C ILE A 17 22.12 -8.39 -1.64
N VAL A 18 21.88 -8.26 -0.33
CA VAL A 18 21.32 -9.34 0.46
C VAL A 18 19.94 -8.83 0.90
N LEU A 19 18.86 -9.47 0.46
CA LEU A 19 17.52 -9.03 0.86
C LEU A 19 16.97 -9.67 2.13
N GLU A 20 16.12 -8.93 2.88
CA GLU A 20 15.39 -9.46 4.06
C GLU A 20 14.01 -9.98 3.60
N GLY A 21 13.48 -10.98 4.32
CA GLY A 21 12.20 -11.61 3.98
C GLY A 21 10.92 -10.82 4.26
N GLY A 22 9.83 -11.22 3.58
CA GLY A 22 8.54 -10.55 3.71
C GLY A 22 8.49 -9.30 2.81
N SER A 23 7.59 -8.39 3.12
N SER A 24 9.02 -6.76 4.48
CA SER A 24 10.27 -6.05 4.72
C SER A 24 10.96 -5.78 3.38
N SER A 25 11.22 -4.51 3.14
CA SER A 25 11.87 -4.06 1.93
C SER A 25 13.33 -3.82 2.25
N TRP A 26 13.79 -4.21 3.45
CA TRP A 26 15.19 -3.96 3.84
C TRP A 26 16.21 -4.74 3.02
N GLY A 27 17.39 -4.16 2.85
CA GLY A 27 18.45 -4.84 2.13
C GLY A 27 19.78 -4.29 2.61
N LYS A 28 20.82 -5.11 2.46
CA LYS A 28 22.20 -4.71 2.72
C LYS A 28 22.83 -4.56 1.35
N VAL A 29 23.53 -3.46 1.14
CA VAL A 29 24.17 -3.22 -0.15
C VAL A 29 25.66 -3.01 0.07
N LYS A 30 26.47 -3.70 -0.72
CA LYS A 30 27.90 -3.55 -0.67
C LYS A 30 28.36 -3.31 -2.11
N ALA A 31 29.32 -2.41 -2.31
CA ALA A 31 29.89 -2.13 -3.62
C ALA A 31 31.35 -1.77 -3.50
N ARG A 32 32.17 -2.30 -4.42
CA ARG A 32 33.59 -1.94 -4.53
C ARG A 32 33.85 -1.67 -5.98
N ALA A 33 34.65 -0.64 -6.27
CA ALA A 33 34.96 -0.36 -7.67
C ALA A 33 36.28 0.33 -7.82
N LYS A 34 36.99 0.00 -8.88
CA LYS A 34 38.26 0.65 -9.13
C LYS A 34 38.50 0.78 -10.61
N VAL A 35 38.89 1.97 -11.04
CA VAL A 35 39.17 2.19 -12.46
C VAL A 35 40.41 3.05 -12.60
N ASN A 36 41.29 2.65 -13.50
CA ASN A 36 42.52 3.40 -13.72
C ASN A 36 42.36 4.45 -14.81
N ALA A 37 41.47 5.40 -14.59
CA ALA A 37 41.26 6.48 -15.57
C ALA A 37 41.16 7.70 -14.67
N PRO A 38 41.61 8.85 -15.18
CA PRO A 38 41.58 10.06 -14.34
C PRO A 38 40.15 10.63 -14.16
N PRO A 39 39.88 11.19 -12.99
CA PRO A 39 38.60 11.82 -12.73
C PRO A 39 38.58 13.17 -13.43
N ALA A 40 37.38 13.67 -13.73
CA ALA A 40 37.23 14.93 -14.42
C ALA A 40 37.22 16.10 -13.43
N SER A 41 38.12 16.11 -12.46
CA SER A 41 38.16 17.21 -11.51
C SER A 41 39.35 18.08 -11.84
N PRO A 42 39.15 19.39 -11.94
CA PRO A 42 40.24 20.27 -12.31
C PRO A 42 41.21 20.51 -11.15
N LEU A 43 40.91 19.95 -9.97
CA LEU A 43 41.81 19.94 -8.79
C LEU A 43 41.97 18.51 -8.28
N LEU A 44 43.19 18.04 -8.24
CA LEU A 44 43.50 16.66 -7.81
C LEU A 44 44.66 16.81 -6.85
N PRO A 45 44.82 15.89 -5.89
CA PRO A 45 43.90 14.75 -5.73
C PRO A 45 42.63 15.17 -4.99
N ALA A 46 41.64 14.26 -4.95
CA ALA A 46 40.38 14.48 -4.28
C ALA A 46 39.92 13.16 -3.66
N ASP A 47 39.81 13.16 -2.33
CA ASP A 47 39.35 12.01 -1.54
C ASP A 47 38.14 12.47 -0.77
N CYS A 48 37.19 11.57 -0.55
CA CYS A 48 36.03 11.94 0.26
C CYS A 48 35.48 10.71 0.98
N ASP A 49 34.99 10.92 2.20
CA ASP A 49 34.28 9.91 3.01
C ASP A 49 32.93 10.49 3.40
N VAL A 50 31.93 9.63 3.37
CA VAL A 50 30.57 10.00 3.72
C VAL A 50 30.01 8.98 4.67
N LYS A 51 29.22 9.49 5.61
CA LYS A 51 28.59 8.63 6.59
C LYS A 51 27.21 9.22 6.79
N LEU A 52 26.20 8.37 6.63
CA LEU A 52 24.79 8.71 6.82
C LEU A 52 24.16 7.74 7.81
N ASN A 53 23.31 8.26 8.67
CA ASN A 53 22.64 7.45 9.69
C ASN A 53 21.26 8.01 9.84
N VAL A 54 20.27 7.14 10.07
CA VAL A 54 18.92 7.63 10.35
C VAL A 54 18.27 6.71 11.40
N LYS A 55 17.49 7.30 12.29
CA LYS A 55 16.83 6.51 13.34
C LYS A 55 15.44 7.01 13.63
N PRO A 56 14.55 6.06 13.96
CA PRO A 56 13.17 6.39 14.28
C PRO A 56 13.19 7.29 15.50
N LEU A 57 12.46 8.38 15.45
CA LEU A 57 12.44 9.36 16.53
C LEU A 57 11.12 9.18 17.24
N ASP A 58 10.03 9.48 16.54
CA ASP A 58 8.68 9.36 17.09
C ASP A 58 7.74 8.84 16.01
N PRO A 59 7.62 7.52 15.92
CA PRO A 59 6.79 6.88 14.90
C PRO A 59 5.32 7.33 14.88
N ALA A 60 4.84 7.88 16.00
CA ALA A 60 3.45 8.37 16.07
C ALA A 60 3.23 9.57 15.15
N LYS A 61 4.19 10.49 15.13
CA LYS A 61 4.09 11.66 14.28
C LYS A 61 4.92 11.52 13.00
N GLY A 62 5.51 10.34 12.80
CA GLY A 62 6.33 10.02 11.61
C GLY A 62 7.72 10.67 11.55
N PHE A 63 8.25 11.13 12.68
CA PHE A 63 9.56 11.77 12.70
C PHE A 63 10.74 10.79 12.72
N VAL A 64 11.78 11.13 11.96
CA VAL A 64 13.03 10.36 11.97
C VAL A 64 14.15 11.38 12.15
N ARG A 65 15.26 10.95 12.71
CA ARG A 65 16.37 11.85 12.90
C ARG A 65 17.49 11.41 11.96
N ILE A 66 17.90 12.27 11.05
CA ILE A 66 18.94 11.88 10.10
C ILE A 66 20.22 12.65 10.37
N SER A 67 21.34 11.98 10.22
CA SER A 67 22.59 12.68 10.41
C SER A 67 23.56 12.33 9.29
N ALA A 68 24.27 13.35 8.80
CA ALA A 68 25.20 13.16 7.72
C ALA A 68 26.52 13.83 8.01
N VAL A 69 27.61 13.19 7.62
CA VAL A 69 28.93 13.79 7.75
C VAL A 69 29.64 13.60 6.41
N PHE A 70 30.19 14.67 5.86
CA PHE A 70 30.97 14.61 4.62
C PHE A 70 32.36 15.11 4.94
N GLU A 71 33.38 14.36 4.58
CA GLU A 71 34.74 14.82 4.85
C GLU A 71 35.59 14.61 3.61
N SER A 72 36.33 15.62 3.19
CA SER A 72 37.14 15.44 2.00
C SER A 72 38.45 16.19 2.05
N ILE A 73 39.35 15.83 1.14
CA ILE A 73 40.62 16.53 0.99
C ILE A 73 40.74 16.83 -0.49
N VAL A 74 40.79 18.11 -0.85
CA VAL A 74 40.89 18.47 -2.25
C VAL A 74 42.15 19.33 -2.46
N ASP A 75 43.09 18.82 -3.23
CA ASP A 75 44.36 19.55 -3.45
C ASP A 75 44.94 20.00 -2.13
N SER A 76 44.95 19.14 -1.14
CA SER A 76 45.47 19.50 0.20
C SER A 76 44.59 20.35 1.15
N THR A 77 43.42 20.83 0.68
CA THR A 77 42.50 21.57 1.55
C THR A 77 41.53 20.56 2.21
N LYS A 78 41.41 20.60 3.53
CA LYS A 78 40.49 19.72 4.26
C LYS A 78 39.14 20.40 4.39
N ASN A 79 38.07 19.68 4.02
CA ASN A 79 36.73 20.24 4.10
C ASN A 79 35.87 19.30 4.90
N LYS A 80 34.82 19.83 5.50
CA LYS A 80 33.93 19.02 6.31
C LYS A 80 32.55 19.66 6.42
N LEU A 81 31.52 18.84 6.32
CA LEU A 81 30.17 19.31 6.49
C LEU A 81 29.42 18.28 7.31
N THR A 82 28.71 18.76 8.34
CA THR A 82 27.89 17.85 9.13
C THR A 82 26.52 18.45 9.15
N ILE A 83 25.52 17.58 9.17
CA ILE A 83 24.15 18.06 9.28
C ILE A 83 23.31 17.05 10.06
N GLU A 84 22.42 17.56 10.91
CA GLU A 84 21.52 16.72 11.71
C GLU A 84 20.13 17.34 11.58
N ALA A 85 19.16 16.52 11.23
CA ALA A 85 17.82 17.04 10.99
C ALA A 85 16.73 16.07 11.40
N ASP A 86 15.59 16.63 11.79
CA ASP A 86 14.42 15.85 12.14
C ASP A 86 13.45 16.10 10.99
N ILE A 87 12.93 15.03 10.39
CA ILE A 87 12.07 15.14 9.22
C ILE A 87 10.81 14.31 9.36
N ALA A 88 9.69 14.83 8.84
CA ALA A 88 8.44 14.08 8.92
C ALA A 88 7.56 14.50 7.79
N ASN A 89 6.73 13.58 7.34
CA ASN A 89 5.69 13.95 6.39
C ASN A 89 4.59 14.58 7.22
N GLU A 90 3.97 15.65 6.73
CA GLU A 90 2.77 16.25 7.37
C GLU A 90 1.56 15.70 6.61
N THR A 91 1.65 15.73 5.27
CA THR A 91 0.64 15.15 4.40
C THR A 91 1.41 14.36 3.38
N LYS A 92 0.71 13.88 2.36
CA LYS A 92 1.37 13.14 1.26
C LYS A 92 2.20 14.08 0.35
N GLU A 93 1.85 15.36 0.30
CA GLU A 93 2.58 16.32 -0.54
C GLU A 93 3.52 17.23 0.24
N ARG A 94 3.29 17.39 1.55
CA ARG A 94 4.07 18.30 2.37
C ARG A 94 4.92 17.59 3.43
N ARG A 95 6.21 17.94 3.46
CA ARG A 95 7.16 17.35 4.39
C ARG A 95 7.81 18.54 5.13
N ILE A 96 8.16 18.35 6.40
CA ILE A 96 8.78 19.43 7.17
C ILE A 96 10.08 18.95 7.78
N SER A 97 10.95 19.89 8.07
CA SER A 97 12.26 19.55 8.63
C SER A 97 12.78 20.66 9.51
N VAL A 98 13.61 20.26 10.47
CA VAL A 98 14.23 21.21 11.39
C VAL A 98 15.61 20.67 11.70
N GLY A 99 16.65 21.48 11.61
CA GLY A 99 17.95 20.92 11.92
C GLY A 99 19.06 21.94 12.12
N GLU A 100 20.29 21.43 12.12
CA GLU A 100 21.47 22.27 12.32
C GLU A 100 22.69 21.52 11.77
N GLY A 101 23.79 22.24 11.60
CA GLY A 101 24.99 21.63 11.08
C GLY A 101 26.11 22.64 11.07
N MET A 102 27.17 22.28 10.35
CA MET A 102 28.36 23.07 10.34
C MET A 102 29.13 22.84 9.05
N VAL A 103 29.84 23.85 8.58
CA VAL A 103 30.72 23.74 7.41
C VAL A 103 32.06 24.20 7.86
N SER A 104 33.12 23.54 7.41
CA SER A 104 34.47 23.94 7.75
C SER A 104 35.45 23.64 6.59
N VAL A 105 36.27 24.63 6.26
CA VAL A 105 37.24 24.54 5.15
C VAL A 105 38.53 25.15 5.70
N GLY A 106 39.60 24.36 5.78
CA GLY A 106 40.88 24.82 6.35
C GLY A 106 40.69 25.52 7.70
N ASP A 107 41.18 26.75 7.87
CA ASP A 107 41.04 27.45 9.16
C ASP A 107 39.67 28.06 9.40
N PHE A 108 38.76 27.90 8.44
CA PHE A 108 37.47 28.56 8.56
C PHE A 108 36.31 27.63 8.85
N SER A 109 35.34 28.11 9.62
CA SER A 109 34.15 27.32 9.86
C SER A 109 33.00 28.23 10.28
N HIS A 110 31.77 27.73 10.11
CA HIS A 110 30.57 28.41 10.54
C HIS A 110 29.47 27.38 10.80
N THR A 111 28.51 27.76 11.65
CA THR A 111 27.39 26.88 11.95
C THR A 111 26.12 27.42 11.32
N PHE A 112 25.05 26.66 11.40
CA PHE A 112 23.78 27.13 10.91
C PHE A 112 22.65 26.33 11.54
N SER A 113 21.47 26.90 11.62
CA SER A 113 20.31 26.15 12.04
C SER A 113 19.20 26.50 11.03
N PHE A 114 18.20 25.64 10.88
CA PHE A 114 17.17 25.93 9.89
C PHE A 114 15.88 25.18 10.16
N GLU A 115 14.84 25.67 9.51
CA GLU A 115 13.60 24.94 9.45
C GLU A 115 13.00 25.20 8.06
N GLY A 116 12.43 24.19 7.44
CA GLY A 116 11.88 24.41 6.10
C GLY A 116 10.81 23.38 5.76
N SER A 117 10.02 23.69 4.76
CA SER A 117 9.03 22.73 4.31
C SER A 117 9.17 22.60 2.80
N VAL A 118 8.82 21.44 2.30
CA VAL A 118 8.86 21.20 0.88
C VAL A 118 7.52 20.62 0.49
N VAL A 119 6.88 21.21 -0.52
CA VAL A 119 5.63 20.71 -1.05
C VAL A 119 5.88 20.18 -2.47
N ASN A 120 5.59 18.89 -2.68
CA ASN A 120 5.78 18.25 -3.98
C ASN A 120 4.46 18.09 -4.69
N LEU A 121 4.35 18.61 -5.91
CA LEU A 121 3.11 18.54 -6.70
C LEU A 121 3.34 17.93 -8.10
N PHE A 122 2.49 16.99 -8.48
CA PHE A 122 2.51 16.42 -9.81
C PHE A 122 1.62 17.29 -10.71
N TYR A 123 2.00 17.45 -11.96
CA TYR A 123 1.20 18.32 -12.87
C TYR A 123 -0.16 17.73 -13.22
N TYR A 124 -0.31 16.42 -13.17
CA TYR A 124 -1.58 15.77 -13.51
C TYR A 124 -1.74 14.48 -12.72
N ARG A 125 -2.96 13.99 -12.56
CA ARG A 125 -3.18 12.70 -11.91
C ARG A 125 -4.27 12.08 -12.78
N SER A 126 -4.03 10.91 -13.35
CA SER A 126 -5.03 10.32 -14.20
C SER A 126 -5.22 8.84 -13.95
N ASP A 127 -6.46 8.41 -13.79
CA ASP A 127 -6.73 7.01 -13.59
C ASP A 127 -6.50 6.20 -14.86
N ALA A 128 -6.64 6.85 -16.00
CA ALA A 128 -6.42 6.19 -17.29
C ALA A 128 -4.95 5.74 -17.40
N VAL A 129 -4.04 6.54 -16.85
CA VAL A 129 -2.62 6.17 -16.88
C VAL A 129 -2.37 5.09 -15.84
N ARG A 130 -2.85 5.35 -14.63
CA ARG A 130 -2.68 4.45 -13.48
C ARG A 130 -3.10 3.00 -13.73
N ARG A 131 -4.27 2.77 -14.32
CA ARG A 131 -4.67 1.39 -14.52
C ARG A 131 -4.09 0.70 -15.72
N ASN A 132 -3.53 1.48 -16.64
CA ASN A 132 -2.99 0.91 -17.86
C ASN A 132 -1.46 0.77 -17.87
N VAL A 133 -0.77 1.48 -16.99
CA VAL A 133 0.70 1.36 -16.98
C VAL A 133 1.10 0.72 -15.67
N PRO A 134 1.56 -0.53 -15.72
CA PRO A 134 1.89 -1.21 -14.47
C PRO A 134 3.12 -0.69 -13.74
N ASN A 135 4.11 -0.17 -14.46
CA ASN A 135 5.32 0.31 -13.78
C ASN A 135 5.74 1.65 -14.35
N PRO A 136 4.98 2.69 -13.98
CA PRO A 136 5.19 4.05 -14.51
C PRO A 136 6.55 4.63 -14.08
N ILE A 137 7.24 5.26 -15.03
CA ILE A 137 8.55 5.86 -14.73
C ILE A 137 8.53 7.38 -14.69
N TYR A 138 8.27 8.03 -15.83
CA TYR A 138 8.27 9.51 -15.86
C TYR A 138 7.06 10.15 -15.18
N MET A 139 7.29 11.03 -14.21
CA MET A 139 6.20 11.76 -13.58
C MET A 139 6.63 13.22 -13.51
N GLN A 140 6.03 14.06 -14.35
CA GLN A 140 6.39 15.47 -14.40
C GLN A 140 5.77 16.18 -13.20
N GLY A 141 6.51 17.12 -12.61
CA GLY A 141 5.97 17.85 -11.47
C GLY A 141 6.83 19.02 -11.06
N ARG A 142 6.41 19.67 -9.98
CA ARG A 142 7.14 20.81 -9.44
C ARG A 142 7.16 20.70 -7.90
N GLN A 143 8.24 21.15 -7.31
CA GLN A 143 8.50 21.04 -5.85
C GLN A 143 8.81 22.43 -5.25
N PHE A 144 8.12 22.81 -4.17
CA PHE A 144 8.33 24.15 -3.56
C PHE A 144 9.05 24.10 -2.20
N HIS A 145 10.11 24.88 -2.07
CA HIS A 145 10.89 24.95 -0.85
C HIS A 145 10.58 26.28 -0.17
N ASP A 146 10.44 26.25 1.16
CA ASP A 146 10.24 27.45 1.96
C ASP A 146 11.23 27.27 3.11
N ILE A 147 12.24 28.13 3.14
CA ILE A 147 13.33 27.93 4.09
C ILE A 147 13.57 29.09 5.04
N LEU A 148 13.80 28.77 6.30
CA LEU A 148 14.21 29.78 7.27
C LEU A 148 15.56 29.29 7.79
N MET A 149 16.61 30.09 7.61
CA MET A 149 17.91 29.70 8.14
C MET A 149 18.59 30.79 8.98
N LYS A 150 19.41 30.34 9.93
CA LYS A 150 20.10 31.24 10.85
C LYS A 150 21.53 30.85 10.98
N VAL A 151 22.42 31.84 10.85
CA VAL A 151 23.85 31.62 10.97
C VAL A 151 24.41 32.69 11.92
N PRO A 152 25.07 32.29 12.99
CA PRO A 152 25.68 33.24 13.89
C PRO A 152 26.83 33.92 13.15
N LEU A 153 26.83 35.24 13.14
CA LEU A 153 27.87 36.01 12.48
C LEU A 153 29.01 36.20 13.48
N ASP A 154 29.73 35.11 13.76
CA ASP A 154 30.80 35.16 14.78
C ASP A 154 32.22 35.29 14.31
N ASN A 155 32.42 35.81 13.11
CA ASN A 155 33.78 36.04 12.64
C ASN A 155 33.69 37.06 11.52
N ASN A 156 34.81 37.70 11.20
CA ASN A 156 34.79 38.77 10.22
C ASN A 156 34.41 38.34 8.83
N ASP A 157 34.74 37.11 8.48
CA ASP A 157 34.43 36.60 7.15
C ASP A 157 32.90 36.51 7.00
N LEU A 158 32.23 36.06 8.03
CA LEU A 158 30.77 35.96 8.00
C LEU A 158 30.13 37.33 7.87
N ILE A 159 30.67 38.28 8.64
CA ILE A 159 30.16 39.65 8.64
C ILE A 159 30.33 40.27 7.26
N ASP A 160 31.52 40.10 6.67
CA ASP A 160 31.76 40.62 5.33
C ASP A 160 30.78 40.06 4.32
N THR A 161 30.60 38.73 4.35
CA THR A 161 29.69 38.10 3.40
C THR A 161 28.26 38.56 3.61
N TRP A 162 27.84 38.70 4.86
CA TRP A 162 26.48 39.12 5.17
C TRP A 162 26.22 40.54 4.65
N GLU A 163 27.13 41.45 4.98
CA GLU A 163 26.98 42.83 4.53
C GLU A 163 27.05 42.96 3.01
N GLY A 164 27.93 42.20 2.37
CA GLY A 164 28.02 42.22 0.91
C GLY A 164 26.68 41.77 0.28
N THR A 165 26.07 40.76 0.87
CA THR A 165 24.84 40.19 0.34
C THR A 165 23.68 41.17 0.48
N VAL A 166 23.56 41.74 1.67
CA VAL A 166 22.50 42.72 1.95
C VAL A 166 22.65 43.92 1.00
N LYS A 167 23.89 44.32 0.73
CA LYS A 167 24.16 45.38 -0.23
C LYS A 167 23.69 44.98 -1.65
N ALA A 168 24.05 43.77 -2.08
CA ALA A 168 23.66 43.27 -3.42
C ALA A 168 22.16 43.17 -3.60
N ILE A 169 21.48 42.59 -2.61
CA ILE A 169 20.04 42.43 -2.70
C ILE A 169 19.32 43.77 -2.88
N GLY A 170 19.78 44.78 -2.12
CA GLY A 170 19.15 46.09 -2.16
C GLY A 170 19.54 46.98 -3.34
N SER A 171 20.58 46.61 -4.05
CA SER A 171 21.06 47.41 -5.17
C SER A 171 20.82 46.78 -6.57
N THR A 172 20.80 45.46 -6.63
CA THR A 172 20.64 44.71 -7.90
C THR A 172 19.26 44.10 -8.01
N GLY A 173 18.49 44.55 -9.00
CA GLY A 173 17.17 43.99 -9.22
C GLY A 173 17.24 42.54 -9.77
N ALA A 174 18.35 42.18 -10.39
CA ALA A 174 18.49 40.87 -11.02
C ALA A 174 19.06 39.83 -10.07
N PHE A 175 19.26 40.23 -8.81
CA PHE A 175 19.83 39.32 -7.81
C PHE A 175 19.16 37.93 -7.73
N ASN A 176 17.84 37.90 -7.78
CA ASN A 176 17.02 36.70 -7.67
C ASN A 176 17.19 35.79 -8.87
N ASP A 177 17.73 36.37 -9.95
CA ASP A 177 17.99 35.65 -11.18
C ASP A 177 19.45 35.20 -11.21
N TRP A 178 20.37 36.18 -11.19
CA TRP A 178 21.81 35.92 -11.19
C TRP A 178 22.34 35.05 -10.06
N ILE A 179 21.63 34.98 -8.94
CA ILE A 179 22.11 34.16 -7.82
C ILE A 179 22.31 32.70 -8.27
N ARG A 180 21.54 32.31 -9.30
CA ARG A 180 21.60 30.94 -9.81
C ARG A 180 22.96 30.62 -10.45
N ASP A 181 23.65 31.65 -10.99
CA ASP A 181 24.98 31.46 -11.58
C ASP A 181 25.97 31.15 -10.49
N PHE A 182 25.79 31.77 -9.33
CA PHE A 182 26.65 31.54 -8.19
C PHE A 182 26.40 30.18 -7.52
N TRP A 183 25.13 29.86 -7.34
CA TRP A 183 24.64 28.66 -6.64
C TRP A 183 25.08 27.33 -7.32
N PHE A 184 24.87 27.23 -8.62
CA PHE A 184 25.22 26.03 -9.36
C PHE A 184 26.63 26.10 -9.94
N ILE A 185 27.59 26.16 -9.03
CA ILE A 185 29.00 26.29 -9.37
C ILE A 185 29.52 25.31 -10.46
N GLY A 186 30.39 25.84 -11.32
CA GLY A 186 31.03 24.99 -12.33
C GLY A 186 30.00 24.21 -13.17
N PRO A 187 30.26 22.91 -13.33
CA PRO A 187 29.39 22.05 -14.15
C PRO A 187 28.07 21.62 -13.50
N ALA A 188 27.82 22.10 -12.28
CA ALA A 188 26.53 21.84 -11.62
C ALA A 188 25.45 22.53 -12.43
N PHE A 189 25.75 23.71 -12.95
CA PHE A 189 24.83 24.44 -13.81
C PHE A 189 24.38 23.58 -15.00
N THR A 190 25.35 23.05 -15.72
CA THR A 190 25.12 22.24 -16.90
C THR A 190 24.23 21.04 -16.62
N ALA A 191 24.45 20.39 -15.48
CA ALA A 191 23.72 19.17 -15.11
C ALA A 191 22.23 19.41 -14.98
N LEU A 192 21.82 20.62 -14.64
CA LEU A 192 20.38 20.94 -14.55
C LEU A 192 19.63 20.54 -15.84
N ASN A 193 20.01 21.10 -16.97
CA ASN A 193 19.34 20.78 -18.24
C ASN A 193 19.43 19.29 -18.60
N GLU A 194 20.58 18.68 -18.35
CA GLU A 194 20.82 17.30 -18.65
C GLU A 194 19.78 16.40 -18.01
N GLY A 195 19.30 16.78 -16.82
CA GLY A 195 18.32 15.92 -16.14
C GLY A 195 16.87 16.40 -16.35
N GLY A 196 16.67 17.37 -17.24
CA GLY A 196 15.31 17.89 -17.45
C GLY A 196 14.83 18.65 -16.18
N GLN A 197 15.76 19.35 -15.55
CA GLN A 197 15.47 20.02 -14.33
C GLN A 197 15.59 21.55 -14.46
N ARG A 198 14.67 22.28 -13.83
CA ARG A 198 14.66 23.75 -13.85
C ARG A 198 14.57 24.31 -12.42
N ILE A 199 15.29 25.38 -12.17
CA ILE A 199 15.24 26.09 -10.88
C ILE A 199 14.65 27.49 -11.14
N SER A 200 13.61 27.89 -10.40
CA SER A 200 13.02 29.23 -10.59
C SER A 200 13.91 30.32 -9.99
N ARG A 201 13.55 31.58 -10.21
CA ARG A 201 14.23 32.67 -9.52
C ARG A 201 13.88 32.47 -8.06
N ILE A 202 14.72 32.95 -7.15
CA ILE A 202 14.38 32.81 -5.75
C ILE A 202 13.50 33.96 -5.33
N GLU A 203 12.80 33.79 -4.21
CA GLU A 203 12.01 34.85 -3.62
C GLU A 203 12.59 35.07 -2.22
N VAL A 204 13.00 36.30 -1.95
CA VAL A 204 13.56 36.64 -0.64
C VAL A 204 12.45 37.27 0.22
N ASN A 205 11.93 36.54 1.20
CA ASN A 205 10.84 37.02 2.04
C ASN A 205 11.28 37.81 3.26
N GLY A 206 12.53 37.67 3.66
CA GLY A 206 13.05 38.41 4.80
C GLY A 206 14.53 38.15 5.06
N LEU A 207 15.23 39.21 5.42
CA LEU A 207 16.66 39.19 5.74
C LEU A 207 16.80 40.07 7.00
N ASN A 208 17.19 39.48 8.13
CA ASN A 208 17.33 40.22 9.39
C ASN A 208 18.55 39.82 10.20
N THR A 209 19.08 40.77 10.95
CA THR A 209 20.13 40.50 11.92
C THR A 209 19.39 40.49 13.26
N GLU A 210 19.41 39.36 13.94
CA GLU A 210 18.78 39.21 15.25
C GLU A 210 19.85 39.31 16.32
N SER A 211 19.44 39.55 17.55
CA SER A 211 20.41 39.57 18.63
C SER A 211 20.29 38.24 19.37
N GLY A 212 21.28 37.38 19.14
CA GLY A 212 21.28 36.05 19.74
C GLY A 212 21.85 36.08 21.15
N PRO A 213 21.69 34.96 21.84
CA PRO A 213 22.21 34.81 23.20
C PRO A 213 23.68 35.19 23.20
N LYS A 214 24.39 34.69 22.21
CA LYS A 214 25.81 34.93 22.10
C LYS A 214 26.30 35.95 21.06
N GLY A 215 25.40 36.71 20.43
CA GLY A 215 25.84 37.67 19.40
C GLY A 215 24.86 37.80 18.23
N PRO A 216 25.19 38.67 17.28
CA PRO A 216 24.33 38.87 16.09
C PRO A 216 24.17 37.60 15.26
N VAL A 217 22.96 37.39 14.73
CA VAL A 217 22.67 36.22 13.91
C VAL A 217 22.05 36.73 12.64
N GLY A 218 22.52 36.20 11.50
CA GLY A 218 21.96 36.58 10.19
C GLY A 218 20.82 35.61 9.92
N VAL A 219 19.60 36.12 9.80
CA VAL A 219 18.41 35.31 9.58
C VAL A 219 17.83 35.58 8.21
N SER A 220 17.51 34.53 7.46
CA SER A 220 16.92 34.70 6.13
C SER A 220 15.81 33.73 5.87
N ARG A 221 14.82 34.20 5.15
CA ARG A 221 13.63 33.44 4.84
C ARG A 221 13.43 33.56 3.33
N TRP A 222 13.52 32.44 2.61
CA TRP A 222 13.45 32.50 1.16
C TRP A 222 12.82 31.24 0.60
N ARG A 223 12.40 31.35 -0.64
CA ARG A 223 11.77 30.21 -1.32
C ARG A 223 12.26 30.08 -2.76
N PHE A 224 12.07 28.89 -3.30
CA PHE A 224 12.30 28.64 -4.72
C PHE A 224 11.50 27.39 -5.09
N SER A 225 11.22 27.22 -6.39
CA SER A 225 10.58 25.99 -6.87
C SER A 225 11.52 25.31 -7.88
N HIS A 226 11.35 24.01 -8.05
CA HIS A 226 12.13 23.28 -9.02
C HIS A 226 11.23 22.32 -9.81
N GLY A 227 11.24 22.49 -11.13
CA GLY A 227 10.43 21.67 -12.04
C GLY A 227 11.25 20.48 -12.58
N GLY A 228 10.56 19.43 -13.01
CA GLY A 228 11.21 18.24 -13.53
C GLY A 228 10.29 17.67 -14.61
N SER A 229 10.88 17.27 -15.71
CA SER A 229 10.11 16.73 -16.83
C SER A 229 9.84 15.22 -16.66
N GLY A 230 10.28 14.61 -15.57
CA GLY A 230 9.96 13.20 -15.36
C GLY A 230 11.11 12.30 -14.96
N MET A 231 12.35 12.73 -15.19
CA MET A 231 13.54 11.97 -14.77
C MET A 231 14.02 12.39 -13.39
N VAL A 232 13.54 13.53 -12.88
CA VAL A 232 14.00 14.01 -11.56
C VAL A 232 13.36 13.15 -10.44
N ASP A 233 14.11 12.17 -9.92
CA ASP A 233 13.55 11.27 -8.93
C ASP A 233 13.04 11.97 -7.68
N SER A 234 13.67 13.08 -7.32
CA SER A 234 13.26 13.85 -6.17
C SER A 234 11.79 14.22 -6.28
N ILE A 235 11.34 14.39 -7.52
CA ILE A 235 9.95 14.79 -7.78
C ILE A 235 9.05 13.58 -8.12
N SER A 236 9.48 12.79 -9.08
CA SER A 236 8.65 11.67 -9.52
C SER A 236 8.52 10.53 -8.52
N ARG A 237 9.45 10.43 -7.56
CA ARG A 237 9.42 9.33 -6.60
C ARG A 237 9.49 9.85 -5.17
N TRP A 238 8.87 11.02 -5.01
CA TRP A 238 8.76 11.74 -3.75
C TRP A 238 8.48 10.85 -2.52
N ALA A 239 7.46 10.00 -2.61
CA ALA A 239 7.12 9.16 -1.45
C ALA A 239 8.11 8.04 -1.24
N GLU A 240 8.43 7.35 -2.33
CA GLU A 240 9.34 6.20 -2.27
C GLU A 240 10.77 6.52 -1.77
N LEU A 241 11.27 7.73 -2.03
CA LEU A 241 12.65 8.07 -1.60
C LEU A 241 12.77 8.32 -0.08
N PHE A 242 11.64 8.42 0.62
CA PHE A 242 11.61 8.64 2.07
C PHE A 242 10.69 7.58 2.72
N PRO A 243 11.17 6.35 2.81
CA PRO A 243 10.35 5.26 3.40
C PRO A 243 10.34 5.31 4.95
N SER A 244 9.84 6.42 5.52
CA SER A 244 9.82 6.56 6.99
C SER A 244 8.99 5.45 7.67
N ASP A 245 7.93 5.01 7.02
CA ASP A 245 7.04 3.98 7.56
C ASP A 245 7.67 2.60 7.65
N LYS A 246 8.81 2.39 7.01
CA LYS A 246 9.42 1.08 7.04
C LYS A 246 10.65 1.10 7.93
N LEU A 247 10.93 2.27 8.52
CA LEU A 247 12.09 2.39 9.34
C LEU A 247 11.83 1.95 10.77
N ASN A 248 11.86 0.64 11.02
CA ASN A 248 11.60 0.10 12.37
C ASN A 248 12.86 0.04 13.26
N ARG A 249 14.02 0.34 12.69
CA ARG A 249 15.30 0.36 13.43
C ARG A 249 16.26 1.26 12.63
N PRO A 250 17.39 1.61 13.23
CA PRO A 250 18.36 2.50 12.56
C PRO A 250 18.94 1.95 11.26
N ALA A 251 19.08 2.81 10.25
CA ALA A 251 19.69 2.42 8.97
C ALA A 251 20.94 3.28 8.80
N GLN A 252 21.89 2.82 8.00
CA GLN A 252 23.10 3.60 7.78
C GLN A 252 23.83 3.24 6.49
N VAL A 253 24.65 4.18 6.02
CA VAL A 253 25.50 3.98 4.83
C VAL A 253 26.84 4.65 5.08
N GLU A 254 27.90 3.94 4.75
CA GLU A 254 29.23 4.49 4.79
C GLU A 254 29.78 4.33 3.35
N ALA A 255 30.38 5.38 2.84
CA ALA A 255 30.87 5.34 1.47
C ALA A 255 32.08 6.28 1.39
N GLY A 256 32.98 6.02 0.44
CA GLY A 256 34.09 6.91 0.27
C GLY A 256 34.80 6.60 -1.04
N PHE A 257 35.59 7.56 -1.51
CA PHE A 257 36.41 7.37 -2.70
C PHE A 257 37.78 8.05 -2.53
N ARG A 258 38.77 7.54 -3.25
CA ARG A 258 40.11 8.14 -3.25
C ARG A 258 40.38 8.34 -4.74
N SER A 259 40.93 9.49 -5.11
CA SER A 259 41.18 9.66 -6.52
C SER A 259 42.34 10.60 -6.76
N ASP A 260 43.02 10.36 -7.88
CA ASP A 260 44.10 11.19 -8.34
C ASP A 260 44.26 11.00 -9.85
N SER A 261 45.37 11.48 -10.39
CA SER A 261 45.65 11.42 -11.82
C SER A 261 45.74 10.00 -12.37
N GLN A 262 45.87 9.00 -11.50
CA GLN A 262 46.00 7.61 -11.94
C GLN A 262 44.68 6.82 -11.97
N GLY A 263 43.73 7.15 -11.10
CA GLY A 263 42.50 6.36 -11.06
C GLY A 263 41.58 6.73 -9.92
N ILE A 264 40.51 5.96 -9.81
CA ILE A 264 39.46 6.21 -8.83
C ILE A 264 39.21 4.89 -8.12
N GLU A 265 38.99 4.96 -6.82
CA GLU A 265 38.68 3.76 -6.05
C GLU A 265 37.51 4.10 -5.13
N VAL A 266 36.51 3.26 -5.10
CA VAL A 266 35.33 3.57 -4.33
C VAL A 266 34.85 2.39 -3.51
N LYS A 267 34.27 2.67 -2.34
CA LYS A 267 33.69 1.64 -1.52
C LYS A 267 32.39 2.10 -0.88
N VAL A 268 31.40 1.22 -0.85
CA VAL A 268 30.10 1.55 -0.24
C VAL A 268 29.64 0.35 0.61
N ASP A 269 29.00 0.65 1.73
CA ASP A 269 28.42 -0.39 2.60
C ASP A 269 27.27 0.23 3.29
N GLY A 270 26.08 -0.36 3.13
CA GLY A 270 24.93 0.19 3.84
C GLY A 270 23.86 -0.84 4.08
N GLU A 271 22.85 -0.46 4.87
CA GLU A 271 21.68 -1.28 5.13
C GLU A 271 20.53 -0.30 5.40
N PHE A 272 19.41 -0.48 4.69
CA PHE A 272 18.30 0.45 4.86
C PHE A 272 17.10 -0.19 4.18
N PRO A 273 15.92 0.31 4.48
CA PRO A 273 14.71 -0.18 3.85
C PRO A 273 14.52 0.48 2.45
N GLY A 274 13.59 -0.07 1.65
CA GLY A 274 13.27 0.48 0.33
C GLY A 274 13.99 -0.17 -0.84
N VAL A 275 14.76 -1.22 -0.59
CA VAL A 275 15.52 -1.87 -1.66
C VAL A 275 14.63 -2.74 -2.56
N SER A 276 13.54 -3.27 -2.02
CA SER A 276 12.62 -4.08 -2.81
C SER A 276 11.24 -3.51 -2.62
N VAL A 277 10.35 -3.72 -3.58
CA VAL A 277 9.03 -3.17 -3.54
C VAL A 277 8.05 -4.15 -4.13
N ASP A 278 6.80 -3.99 -3.74
CA ASP A 278 5.71 -4.83 -4.20
C ASP A 278 5.58 -4.53 -5.69
N ALA A 279 5.54 -5.55 -6.53
CA ALA A 279 5.41 -5.30 -7.97
C ALA A 279 4.04 -5.73 -8.41
N GLY A 280 3.23 -6.18 -7.44
CA GLY A 280 1.88 -6.65 -7.72
C GLY A 280 1.89 -8.11 -8.19
N GLY A 281 0.71 -8.76 -8.08
CA GLY A 281 0.52 -10.14 -8.52
C GLY A 281 1.22 -11.15 -7.64
N GLY A 282 1.59 -10.71 -6.44
CA GLY A 282 2.36 -11.54 -5.51
C GLY A 282 3.89 -11.43 -5.76
N LEU A 283 4.29 -10.61 -6.75
CA LEU A 283 5.70 -10.46 -7.07
C LEU A 283 6.36 -9.27 -6.38
N ARG A 284 7.66 -9.33 -6.21
CA ARG A 284 8.40 -8.19 -5.69
C ARG A 284 9.49 -7.87 -6.70
N ARG A 285 9.97 -6.63 -6.74
CA ARG A 285 11.10 -6.30 -7.62
C ARG A 285 12.16 -5.55 -6.82
N ILE A 286 13.39 -5.53 -7.30
CA ILE A 286 14.40 -4.62 -6.73
C ILE A 286 13.89 -3.24 -7.23
N LEU A 287 13.99 -2.18 -6.44
CA LEU A 287 13.42 -0.90 -6.92
C LEU A 287 13.95 -0.41 -8.28
N ASN A 288 13.11 0.30 -9.04
CA ASN A 288 13.55 0.85 -10.32
C ASN A 288 14.81 1.72 -10.09
N HIS A 289 15.79 1.65 -10.97
CA HIS A 289 17.00 2.46 -10.81
C HIS A 289 16.66 3.96 -10.91
N PRO A 290 17.07 4.78 -9.95
CA PRO A 290 16.80 6.22 -10.07
C PRO A 290 17.55 6.73 -11.33
N LEU A 291 16.97 7.67 -12.05
CA LEU A 291 17.56 8.17 -13.32
C LEU A 291 18.65 9.26 -13.16
N ILE A 292 18.44 10.22 -12.26
CA ILE A 292 19.43 11.29 -12.03
C ILE A 292 20.89 10.85 -11.91
N PRO A 293 21.18 9.91 -11.01
CA PRO A 293 22.57 9.45 -10.83
C PRO A 293 23.17 8.93 -12.13
N LEU A 294 22.37 8.21 -12.94
CA LEU A 294 22.91 7.69 -14.20
C LEU A 294 23.19 8.81 -15.23
N VAL A 295 22.28 9.76 -15.31
CA VAL A 295 22.39 10.87 -16.25
C VAL A 295 23.53 11.81 -15.84
N HIS A 296 23.63 12.11 -14.55
CA HIS A 296 24.69 12.97 -14.08
C HIS A 296 26.06 12.29 -14.20
N HIS A 297 26.16 11.06 -13.76
CA HIS A 297 27.46 10.36 -13.91
C HIS A 297 27.77 10.20 -15.40
N GLY A 298 26.74 10.17 -16.24
CA GLY A 298 26.92 10.03 -17.70
C GLY A 298 27.74 11.19 -18.27
N MET A 299 27.69 12.34 -17.60
CA MET A 299 28.48 13.53 -17.97
C MET A 299 29.99 13.35 -17.76
N VAL A 300 30.40 12.37 -16.93
CA VAL A 300 31.83 12.09 -16.73
C VAL A 300 32.26 10.66 -17.18
N GLY A 301 31.30 9.83 -17.59
CA GLY A 301 31.64 8.43 -17.91
C GLY A 301 32.14 8.13 -19.32
N LYS A 302 32.28 9.14 -20.15
CA LYS A 302 32.62 8.93 -21.55
C LYS A 302 34.00 9.40 -21.99
N PHE A 303 34.88 9.75 -21.06
CA PHE A 303 36.21 10.33 -21.43
C PHE A 303 37.34 9.31 -21.67
N ASN A 304 37.18 8.08 -21.22
CA ASN A 304 38.21 7.05 -21.46
C ASN A 304 37.57 5.73 -21.82
N ASN A 305 38.12 5.07 -22.83
CA ASN A 305 37.63 3.75 -23.22
C ASN A 305 37.98 2.76 -22.13
N PHE A 306 37.06 1.87 -21.78
CA PHE A 306 37.37 0.87 -20.77
C PHE A 306 36.80 -0.51 -21.05
N ASN A 307 37.42 -1.50 -20.42
CA ASN A 307 36.89 -2.86 -20.40
C ASN A 307 36.23 -3.03 -19.04
N VAL A 308 35.19 -3.86 -19.02
CA VAL A 308 34.43 -4.12 -17.81
C VAL A 308 34.76 -5.48 -17.21
N ASP A 309 35.08 -5.51 -15.92
CA ASP A 309 35.28 -6.76 -15.21
C ASP A 309 34.35 -6.62 -13.98
N ALA A 310 33.07 -6.97 -14.16
CA ALA A 310 32.04 -6.73 -13.15
C ALA A 310 31.23 -7.95 -12.72
N GLN A 311 30.81 -7.96 -11.47
CA GLN A 311 29.98 -9.05 -10.96
C GLN A 311 28.92 -8.56 -10.01
N LEU A 312 27.73 -9.13 -10.11
CA LEU A 312 26.65 -8.80 -9.19
C LEU A 312 26.16 -10.07 -8.52
N LYS A 313 25.94 -9.96 -7.21
CA LYS A 313 25.45 -11.07 -6.40
C LYS A 313 24.20 -10.60 -5.69
N VAL A 314 23.11 -11.35 -5.88
CA VAL A 314 21.85 -11.07 -5.20
C VAL A 314 21.48 -12.25 -4.33
N VAL A 315 21.31 -12.02 -3.04
CA VAL A 315 20.90 -13.09 -2.14
C VAL A 315 19.46 -12.84 -1.69
N LEU A 316 18.55 -13.71 -2.10
CA LEU A 316 17.13 -13.63 -1.70
C LEU A 316 16.90 -14.28 -0.32
N PRO A 317 15.81 -13.92 0.35
CA PRO A 317 15.47 -14.57 1.64
C PRO A 317 15.13 -16.05 1.37
N LYS A 318 15.32 -16.92 2.38
CA LYS A 318 15.08 -18.36 2.23
C LYS A 318 13.70 -18.69 1.65
N GLY A 319 13.65 -19.55 0.65
CA GLY A 319 12.38 -19.91 0.06
C GLY A 319 11.86 -19.01 -1.08
N TYR A 320 12.63 -17.97 -1.42
CA TYR A 320 12.19 -17.08 -2.51
C TYR A 320 12.97 -17.43 -3.74
N LYS A 321 12.36 -17.24 -4.90
CA LYS A 321 13.07 -17.45 -6.14
C LYS A 321 12.83 -16.37 -7.19
N ILE A 322 13.78 -16.26 -8.10
CA ILE A 322 13.69 -15.29 -9.17
C ILE A 322 12.77 -15.85 -10.24
N ARG A 323 11.73 -15.08 -10.57
CA ARG A 323 10.76 -15.44 -11.58
C ARG A 323 11.12 -14.83 -12.91
N TYR A 324 11.81 -13.70 -12.88
CA TYR A 324 12.18 -13.05 -14.14
C TYR A 324 13.36 -12.14 -13.92
N ALA A 325 14.35 -12.22 -14.80
CA ALA A 325 15.50 -11.33 -14.74
C ALA A 325 15.95 -11.07 -16.17
N ALA A 326 16.14 -9.81 -16.52
CA ALA A 326 16.66 -9.43 -17.84
C ALA A 326 17.45 -8.12 -17.68
N PRO A 327 18.77 -8.19 -17.88
CA PRO A 327 19.46 -9.42 -18.33
C PRO A 327 19.40 -10.61 -17.36
N GLN A 328 19.61 -11.79 -17.93
CA GLN A 328 19.56 -13.07 -17.22
C GLN A 328 20.77 -13.31 -16.33
N TYR A 329 20.57 -13.98 -15.18
CA TYR A 329 21.69 -14.30 -14.28
C TYR A 329 22.47 -15.46 -14.87
N ARG A 330 23.72 -15.60 -14.47
CA ARG A 330 24.58 -16.65 -15.00
C ARG A 330 24.48 -17.95 -14.18
N SER A 331 24.32 -17.83 -12.87
CA SER A 331 24.34 -19.00 -12.04
C SER A 331 23.50 -18.77 -10.80
N GLN A 332 23.14 -19.87 -10.15
CA GLN A 332 22.35 -19.83 -8.94
C GLN A 332 22.74 -20.95 -7.98
N ASN A 333 22.88 -20.64 -6.71
CA ASN A 333 23.27 -21.63 -5.73
C ASN A 333 22.30 -21.38 -4.59
N LEU A 334 21.26 -22.19 -4.53
CA LEU A 334 20.24 -21.96 -3.53
C LEU A 334 19.64 -20.55 -3.68
N GLU A 335 19.77 -19.69 -2.68
CA GLU A 335 19.17 -18.35 -2.76
C GLU A 335 20.07 -17.27 -3.35
N GLU A 336 21.30 -17.65 -3.61
CA GLU A 336 22.28 -16.73 -4.14
C GLU A 336 22.31 -16.77 -5.69
N TYR A 337 22.13 -15.61 -6.32
CA TYR A 337 22.22 -15.52 -7.78
C TYR A 337 23.36 -14.58 -8.17
N ARG A 338 24.09 -14.95 -9.23
CA ARG A 338 25.21 -14.16 -9.71
C ARG A 338 25.07 -13.77 -11.19
N TRP A 339 25.50 -12.53 -11.49
CA TRP A 339 25.56 -12.04 -12.89
C TRP A 339 27.01 -11.71 -13.21
N SER A 340 27.45 -12.02 -14.43
CA SER A 340 28.77 -11.59 -14.86
C SER A 340 28.94 -11.87 -16.33
N GLY A 341 29.71 -11.02 -17.02
CA GLY A 341 29.96 -11.17 -18.45
C GLY A 341 28.72 -11.03 -19.29
N GLY A 342 28.89 -11.25 -20.58
CA GLY A 342 27.78 -11.25 -21.54
C GLY A 342 26.94 -10.01 -21.48
N ALA A 343 25.63 -10.19 -21.54
CA ALA A 343 24.69 -9.09 -21.53
C ALA A 343 24.79 -8.21 -20.26
N TYR A 344 25.18 -8.80 -19.13
CA TYR A 344 25.29 -8.01 -17.90
C TYR A 344 26.45 -7.01 -18.05
N ALA A 345 27.57 -7.48 -18.61
CA ALA A 345 28.75 -6.66 -18.83
C ALA A 345 28.42 -5.48 -19.76
N ARG A 346 27.65 -5.72 -20.82
CA ARG A 346 27.25 -4.65 -21.72
C ARG A 346 26.32 -3.66 -21.03
N TRP A 347 25.48 -4.17 -20.13
CA TRP A 347 24.58 -3.29 -19.38
C TRP A 347 25.37 -2.39 -18.43
N VAL A 348 26.45 -2.92 -17.83
CA VAL A 348 27.27 -2.11 -16.91
C VAL A 348 27.99 -0.98 -17.68
N GLU A 349 28.58 -1.34 -18.81
CA GLU A 349 29.23 -0.35 -19.65
C GLU A 349 28.20 0.73 -19.97
N HIS A 350 27.03 0.31 -20.42
CA HIS A 350 25.94 1.20 -20.78
C HIS A 350 25.59 2.23 -19.65
N VAL A 351 25.29 1.75 -18.44
CA VAL A 351 24.90 2.63 -17.33
C VAL A 351 26.04 3.52 -16.83
N CYS A 352 27.27 3.01 -16.89
CA CYS A 352 28.41 3.79 -16.48
C CYS A 352 28.67 4.97 -17.41
N LYS A 353 28.14 4.89 -18.64
CA LYS A 353 28.31 5.93 -19.65
C LYS A 353 27.13 6.84 -19.73
N GLY A 354 26.06 6.51 -19.03
CA GLY A 354 24.90 7.40 -18.97
C GLY A 354 23.58 6.82 -19.41
N GLY A 355 23.59 5.57 -19.89
CA GLY A 355 22.35 4.94 -20.35
C GLY A 355 21.43 4.57 -19.17
N VAL A 356 20.12 4.50 -19.43
CA VAL A 356 19.15 4.15 -18.40
C VAL A 356 18.38 2.89 -18.81
N GLY A 357 18.94 2.08 -19.71
CA GLY A 357 18.24 0.86 -20.14
C GLY A 357 17.81 0.02 -18.94
N GLN A 358 16.54 -0.41 -18.93
CA GLN A 358 16.01 -1.18 -17.81
C GLN A 358 16.67 -2.54 -17.50
N PHE A 359 17.01 -2.75 -16.23
CA PHE A 359 17.54 -4.07 -15.77
C PHE A 359 16.50 -4.53 -14.74
N GLU A 360 15.60 -5.42 -15.12
CA GLU A 360 14.51 -5.80 -14.22
C GLU A 360 14.70 -7.18 -13.57
N ILE A 361 14.37 -7.23 -12.27
CA ILE A 361 14.42 -8.43 -11.45
C ILE A 361 13.14 -8.55 -10.66
N LEU A 362 12.37 -9.60 -10.95
CA LEU A 362 11.15 -9.90 -10.22
C LEU A 362 11.36 -11.23 -9.49
N TYR A 363 10.99 -11.29 -8.22
CA TYR A 363 11.10 -12.51 -7.44
C TYR A 363 9.83 -12.75 -6.61
N ALA A 364 9.65 -13.96 -6.12
CA ALA A 364 8.46 -14.32 -5.34
C ALA A 364 8.66 -15.64 -4.62
N GLN A 365 7.80 -15.90 -3.64
CA GLN A 365 7.79 -17.15 -2.88
C GLN A 365 7.08 -18.22 -3.72
N VAL B 8 -28.22 -22.84 33.34
CA VAL B 8 -27.79 -21.49 32.95
C VAL B 8 -27.52 -21.47 31.45
N THR B 9 -27.72 -20.33 30.80
CA THR B 9 -27.44 -20.25 29.37
C THR B 9 -25.98 -19.83 29.26
N THR B 10 -25.19 -20.67 28.60
CA THR B 10 -23.79 -20.40 28.43
C THR B 10 -23.36 -20.47 26.99
N ALA B 11 -22.58 -19.50 26.55
CA ALA B 11 -22.02 -19.51 25.22
C ALA B 11 -20.54 -19.91 25.36
N HIS B 12 -20.11 -20.98 24.67
CA HIS B 12 -18.70 -21.44 24.70
C HIS B 12 -18.17 -21.20 23.30
N SER B 13 -17.10 -20.42 23.17
CA SER B 13 -16.56 -20.17 21.84
C SER B 13 -15.05 -20.13 21.90
N ASP B 14 -14.43 -20.39 20.77
CA ASP B 14 -12.99 -20.41 20.69
C ASP B 14 -12.66 -19.87 19.31
N TYR B 15 -11.81 -18.84 19.25
CA TYR B 15 -11.43 -18.26 17.95
C TYR B 15 -9.91 -18.28 17.82
N GLU B 16 -9.43 -18.47 16.61
CA GLU B 16 -7.99 -18.49 16.43
C GLU B 16 -7.60 -17.89 15.12
N ILE B 17 -6.65 -16.96 15.15
CA ILE B 17 -6.13 -16.33 13.94
C ILE B 17 -4.62 -16.59 13.87
N VAL B 18 -4.15 -17.12 12.73
CA VAL B 18 -2.71 -17.34 12.53
C VAL B 18 -2.31 -16.45 11.37
N LEU B 19 -1.49 -15.45 11.60
CA LEU B 19 -1.10 -14.54 10.50
C LEU B 19 0.16 -14.95 9.74
N GLU B 20 0.20 -14.63 8.44
CA GLU B 20 1.38 -14.84 7.57
C GLU B 20 2.25 -13.57 7.60
N GLY B 21 3.55 -13.73 7.43
CA GLY B 21 4.47 -12.58 7.50
C GLY B 21 4.51 -11.63 6.30
N GLY B 22 5.07 -10.44 6.51
N SER B 23 3.65 -7.99 4.32
CA SER B 23 2.89 -7.43 3.20
C SER B 23 1.80 -8.43 2.88
N SER B 24 2.11 -9.71 3.05
CA SER B 24 1.09 -10.74 2.91
C SER B 24 0.08 -10.42 4.02
N SER B 25 -1.16 -10.29 3.60
CA SER B 25 -2.25 -10.00 4.49
C SER B 25 -2.98 -11.32 4.78
N TRP B 26 -2.42 -12.43 4.33
CA TRP B 26 -3.08 -13.73 4.51
C TRP B 26 -3.20 -14.16 5.97
N GLY B 27 -4.26 -14.90 6.28
CA GLY B 27 -4.41 -15.46 7.61
C GLY B 27 -5.25 -16.70 7.56
N LYS B 28 -5.10 -17.55 8.59
CA LYS B 28 -5.93 -18.72 8.77
C LYS B 28 -6.88 -18.36 9.91
N VAL B 29 -8.16 -18.65 9.74
CA VAL B 29 -9.14 -18.34 10.80
C VAL B 29 -9.88 -19.60 11.14
N LYS B 30 -9.93 -19.92 12.41
CA LYS B 30 -10.70 -21.05 12.94
C LYS B 30 -11.63 -20.53 14.04
N ALA B 31 -12.87 -21.02 14.06
CA ALA B 31 -13.85 -20.66 15.12
C ALA B 31 -14.77 -21.84 15.42
N ARG B 32 -15.04 -22.04 16.70
CA ARG B 32 -16.02 -23.03 17.17
C ARG B 32 -16.90 -22.29 18.18
N ALA B 33 -18.21 -22.56 18.15
CA ALA B 33 -19.10 -21.95 19.13
C ALA B 33 -20.24 -22.86 19.40
N LYS B 34 -20.74 -22.80 20.63
CA LYS B 34 -21.91 -23.55 20.98
C LYS B 34 -22.69 -22.83 22.07
N VAL B 35 -23.99 -22.67 21.85
CA VAL B 35 -24.86 -21.99 22.83
C VAL B 35 -26.15 -22.78 23.00
N ASN B 36 -26.54 -22.99 24.25
CA ASN B 36 -27.78 -23.73 24.51
C ASN B 36 -28.95 -22.76 24.65
N ALA B 37 -29.27 -22.07 23.56
CA ALA B 37 -30.41 -21.16 23.54
C ALA B 37 -31.04 -21.43 22.17
N PRO B 38 -32.37 -21.35 22.08
CA PRO B 38 -33.04 -21.63 20.79
C PRO B 38 -32.79 -20.54 19.75
N PRO B 39 -32.67 -20.96 18.50
CA PRO B 39 -32.51 -20.01 17.41
C PRO B 39 -33.86 -19.32 17.15
N ALA B 40 -33.82 -18.14 16.56
CA ALA B 40 -35.07 -17.47 16.25
C ALA B 40 -35.64 -17.87 14.89
N SER B 41 -35.63 -19.16 14.57
CA SER B 41 -36.24 -19.60 13.29
C SER B 41 -37.61 -20.21 13.56
N PRO B 42 -38.64 -19.77 12.84
CA PRO B 42 -39.98 -20.29 13.05
C PRO B 42 -40.15 -21.73 12.52
N LEU B 43 -39.09 -22.27 11.89
CA LEU B 43 -39.03 -23.68 11.44
C LEU B 43 -37.73 -24.32 11.97
N LEU B 44 -37.87 -25.38 12.73
CA LEU B 44 -36.73 -26.11 13.31
C LEU B 44 -37.02 -27.58 13.04
N PRO B 45 -35.97 -28.39 12.88
CA PRO B 45 -34.59 -27.94 13.03
C PRO B 45 -34.08 -27.31 11.75
N ALA B 46 -32.89 -26.70 11.85
CA ALA B 46 -32.25 -26.08 10.70
C ALA B 46 -30.71 -26.29 10.78
N ASP B 47 -30.17 -27.00 9.80
CA ASP B 47 -28.75 -27.27 9.69
C ASP B 47 -28.29 -26.70 8.36
N CYS B 48 -27.04 -26.23 8.31
CA CYS B 48 -26.49 -25.69 7.07
C CYS B 48 -24.98 -25.85 7.00
N ASP B 49 -24.51 -26.18 5.79
CA ASP B 49 -23.07 -26.30 5.49
C ASP B 49 -22.78 -25.38 4.31
N VAL B 50 -21.65 -24.69 4.39
CA VAL B 50 -21.23 -23.75 3.36
C VAL B 50 -19.77 -24.01 3.03
N LYS B 51 -19.50 -23.98 1.73
CA LYS B 51 -18.16 -24.18 1.23
C LYS B 51 -17.91 -23.12 0.16
N LEU B 52 -16.84 -22.35 0.33
CA LEU B 52 -16.45 -21.28 -0.61
C LEU B 52 -15.00 -21.50 -1.01
N ASN B 53 -14.72 -21.25 -2.29
CA ASN B 53 -13.38 -21.45 -2.84
C ASN B 53 -13.18 -20.39 -3.87
N VAL B 54 -11.97 -19.87 -3.94
CA VAL B 54 -11.64 -18.90 -4.96
C VAL B 54 -10.21 -19.15 -5.44
N LYS B 55 -9.99 -19.02 -6.74
CA LYS B 55 -8.67 -19.21 -7.33
C LYS B 55 -8.37 -18.16 -8.40
N PRO B 56 -7.09 -17.79 -8.49
CA PRO B 56 -6.61 -16.86 -9.51
C PRO B 56 -6.88 -17.50 -10.88
N LEU B 57 -7.49 -16.73 -11.76
CA LEU B 57 -7.85 -17.23 -13.08
C LEU B 57 -6.84 -16.62 -14.07
N ASP B 58 -6.91 -15.31 -14.22
CA ASP B 58 -5.98 -14.60 -15.11
C ASP B 58 -5.56 -13.28 -14.45
N PRO B 59 -4.46 -13.33 -13.71
CA PRO B 59 -3.95 -12.15 -12.99
C PRO B 59 -3.67 -10.91 -13.88
N ALA B 60 -3.50 -11.13 -15.18
CA ALA B 60 -3.23 -10.01 -16.10
C ALA B 60 -4.47 -9.10 -16.23
N LYS B 61 -5.64 -9.72 -16.29
CA LYS B 61 -6.87 -8.95 -16.39
C LYS B 61 -7.60 -8.85 -15.04
N GLY B 62 -6.98 -9.37 -13.98
CA GLY B 62 -7.55 -9.34 -12.63
C GLY B 62 -8.72 -10.33 -12.33
N PHE B 63 -8.91 -11.33 -13.18
CA PHE B 63 -9.99 -12.31 -13.00
C PHE B 63 -9.71 -13.39 -11.96
N VAL B 64 -10.74 -13.72 -11.18
CA VAL B 64 -10.67 -14.82 -10.21
C VAL B 64 -11.94 -15.64 -10.45
N ARG B 65 -11.87 -16.92 -10.12
CA ARG B 65 -13.02 -17.77 -10.28
C ARG B 65 -13.47 -18.16 -8.87
N ILE B 66 -14.70 -17.81 -8.52
CA ILE B 66 -15.20 -18.12 -7.19
C ILE B 66 -16.28 -19.17 -7.28
N SER B 67 -16.30 -20.09 -6.32
CA SER B 67 -17.35 -21.09 -6.32
C SER B 67 -17.91 -21.26 -4.93
N ALA B 68 -19.23 -21.32 -4.84
CA ALA B 68 -19.91 -21.46 -3.57
C ALA B 68 -20.92 -22.59 -3.58
N VAL B 69 -21.02 -23.29 -2.46
CA VAL B 69 -22.03 -24.33 -2.29
C VAL B 69 -22.70 -24.13 -0.94
N PHE B 70 -24.03 -24.04 -0.94
CA PHE B 70 -24.81 -23.94 0.29
C PHE B 70 -25.69 -25.15 0.37
N GLU B 71 -25.67 -25.86 1.50
CA GLU B 71 -26.56 -26.99 1.61
C GLU B 71 -27.23 -26.96 2.97
N SER B 72 -28.54 -27.15 3.01
CA SER B 72 -29.20 -27.11 4.33
C SER B 72 -30.36 -28.08 4.42
N ILE B 73 -30.83 -28.32 5.64
CA ILE B 73 -32.02 -29.12 5.88
C ILE B 73 -32.84 -28.29 6.84
N VAL B 74 -34.05 -27.92 6.41
CA VAL B 74 -34.94 -27.09 7.23
C VAL B 74 -36.26 -27.81 7.40
N ASP B 75 -36.54 -28.18 8.65
CA ASP B 75 -37.77 -28.93 8.95
C ASP B 75 -37.91 -30.13 8.01
N SER B 76 -36.84 -30.86 7.80
CA SER B 76 -36.84 -32.02 6.88
C SER B 76 -36.77 -31.76 5.38
N THR B 77 -36.81 -30.50 4.94
CA THR B 77 -36.69 -30.21 3.50
C THR B 77 -35.22 -29.98 3.17
N LYS B 78 -34.70 -30.67 2.18
CA LYS B 78 -33.30 -30.48 1.76
C LYS B 78 -33.20 -29.41 0.69
N ASN B 79 -32.34 -28.43 0.91
CA ASN B 79 -32.15 -27.35 -0.06
C ASN B 79 -30.68 -27.30 -0.46
N LYS B 80 -30.42 -26.76 -1.64
CA LYS B 80 -29.06 -26.64 -2.11
C LYS B 80 -28.96 -25.49 -3.12
N LEU B 81 -27.86 -24.75 -3.04
CA LEU B 81 -27.56 -23.73 -4.02
C LEU B 81 -26.07 -23.76 -4.34
N THR B 82 -25.75 -23.79 -5.63
CA THR B 82 -24.36 -23.73 -6.05
C THR B 82 -24.25 -22.58 -7.01
N ILE B 83 -23.09 -21.94 -6.98
CA ILE B 83 -22.83 -20.86 -7.90
C ILE B 83 -21.34 -20.82 -8.25
N GLU B 84 -21.04 -20.51 -9.50
CA GLU B 84 -19.64 -20.41 -9.96
C GLU B 84 -19.57 -19.15 -10.78
N ALA B 85 -18.60 -18.29 -10.50
CA ALA B 85 -18.55 -17.02 -11.23
C ALA B 85 -17.13 -16.56 -11.45
N ASP B 86 -16.93 -15.81 -12.51
CA ASP B 86 -15.64 -15.21 -12.81
C ASP B 86 -15.85 -13.71 -12.55
N ILE B 87 -14.98 -13.12 -11.75
CA ILE B 87 -15.15 -11.72 -11.38
C ILE B 87 -13.88 -10.94 -11.57
N ALA B 88 -14.03 -9.67 -11.98
CA ALA B 88 -12.86 -8.82 -12.15
C ALA B 88 -13.21 -7.36 -11.98
N ASN B 89 -12.23 -6.60 -11.50
CA ASN B 89 -12.40 -5.17 -11.46
C ASN B 89 -12.13 -4.67 -12.89
N GLU B 90 -12.95 -3.75 -13.40
CA GLU B 90 -12.68 -3.12 -14.68
C GLU B 90 -11.99 -1.81 -14.35
N THR B 91 -12.56 -1.06 -13.41
CA THR B 91 -11.97 0.17 -12.88
C THR B 91 -12.07 0.06 -11.36
N LYS B 92 -11.80 1.15 -10.66
CA LYS B 92 -11.87 1.17 -9.20
C LYS B 92 -13.34 1.25 -8.73
N GLU B 93 -14.23 1.74 -9.60
CA GLU B 93 -15.66 1.79 -9.27
C GLU B 93 -16.53 0.72 -9.93
N ARG B 94 -16.02 0.11 -11.00
CA ARG B 94 -16.78 -0.85 -11.80
C ARG B 94 -16.21 -2.26 -11.79
N ARG B 95 -17.04 -3.22 -11.41
CA ARG B 95 -16.67 -4.62 -11.34
C ARG B 95 -17.65 -5.41 -12.24
N ILE B 96 -17.17 -6.48 -12.88
CA ILE B 96 -18.02 -7.26 -13.76
C ILE B 96 -17.96 -8.72 -13.34
N SER B 97 -18.99 -9.46 -13.70
CA SER B 97 -19.06 -10.87 -13.38
C SER B 97 -19.84 -11.65 -14.42
N VAL B 98 -19.54 -12.93 -14.50
CA VAL B 98 -20.24 -13.81 -15.41
C VAL B 98 -20.28 -15.17 -14.72
N GLY B 99 -21.45 -15.80 -14.65
CA GLY B 99 -21.43 -17.10 -14.01
C GLY B 99 -22.67 -17.95 -14.25
N GLU B 100 -22.79 -18.99 -13.43
CA GLU B 100 -23.91 -19.93 -13.54
C GLU B 100 -24.06 -20.67 -12.24
N GLY B 101 -25.21 -21.32 -12.06
CA GLY B 101 -25.43 -22.09 -10.85
C GLY B 101 -26.75 -22.82 -10.91
N MET B 102 -27.19 -23.25 -9.74
CA MET B 102 -28.37 -24.06 -9.64
C MET B 102 -29.00 -23.93 -8.25
N VAL B 103 -30.32 -24.06 -8.20
CA VAL B 103 -31.05 -24.06 -6.93
C VAL B 103 -31.87 -25.36 -6.94
N SER B 104 -31.94 -25.99 -5.78
CA SER B 104 -32.75 -27.20 -5.67
C SER B 104 -33.38 -27.29 -4.27
N VAL B 105 -34.68 -27.59 -4.25
CA VAL B 105 -35.45 -27.72 -3.01
C VAL B 105 -36.29 -28.99 -3.19
N GLY B 106 -36.06 -30.01 -2.36
CA GLY B 106 -36.83 -31.26 -2.45
C GLY B 106 -36.81 -31.82 -3.88
N ASP B 107 -37.97 -32.14 -4.45
CA ASP B 107 -37.97 -32.72 -5.81
C ASP B 107 -37.81 -31.69 -6.91
N PHE B 108 -37.62 -30.42 -6.53
CA PHE B 108 -37.54 -29.37 -7.53
C PHE B 108 -36.14 -28.78 -7.72
N SER B 109 -35.84 -28.40 -8.96
CA SER B 109 -34.57 -27.74 -9.24
C SER B 109 -34.63 -26.93 -10.51
N HIS B 110 -33.71 -25.98 -10.63
CA HIS B 110 -33.58 -25.16 -11.83
C HIS B 110 -32.17 -24.58 -11.93
N THR B 111 -31.73 -24.29 -13.15
CA THR B 111 -30.38 -23.73 -13.32
C THR B 111 -30.52 -22.29 -13.74
N PHE B 112 -29.38 -21.61 -13.86
CA PHE B 112 -29.39 -20.23 -14.29
C PHE B 112 -28.01 -19.82 -14.78
N SER B 113 -27.96 -18.80 -15.64
CA SER B 113 -26.66 -18.26 -16.02
C SER B 113 -26.84 -16.75 -15.99
N PHE B 114 -25.77 -16.00 -15.80
CA PHE B 114 -25.93 -14.56 -15.73
C PHE B 114 -24.65 -13.81 -16.05
N GLU B 115 -24.81 -12.53 -16.31
CA GLU B 115 -23.69 -11.63 -16.41
C GLU B 115 -24.17 -10.29 -15.84
N GLY B 116 -23.33 -9.64 -15.05
CA GLY B 116 -23.76 -8.37 -14.47
C GLY B 116 -22.59 -7.46 -14.12
N SER B 117 -22.88 -6.19 -13.96
CA SER B 117 -21.85 -5.27 -13.54
C SER B 117 -22.38 -4.50 -12.34
N VAL B 118 -21.48 -4.09 -11.45
CA VAL B 118 -21.85 -3.32 -10.31
C VAL B 118 -20.93 -2.11 -10.30
N VAL B 119 -21.50 -0.92 -10.13
CA VAL B 119 -20.73 0.32 -10.03
C VAL B 119 -20.97 0.90 -8.64
N ASN B 120 -19.89 1.09 -7.89
CA ASN B 120 -19.94 1.60 -6.53
C ASN B 120 -19.50 3.04 -6.53
N LEU B 121 -20.36 3.93 -6.01
CA LEU B 121 -20.05 5.36 -5.94
C LEU B 121 -20.19 5.93 -4.52
N PHE B 122 -19.19 6.68 -4.07
CA PHE B 122 -19.25 7.39 -2.78
C PHE B 122 -19.91 8.76 -3.04
N TYR B 123 -20.70 9.25 -2.09
CA TYR B 123 -21.38 10.51 -2.31
C TYR B 123 -20.43 11.70 -2.34
N TYR B 124 -19.27 11.61 -1.70
CA TYR B 124 -18.33 12.73 -1.64
C TYR B 124 -16.91 12.19 -1.52
N ARG B 125 -15.92 12.99 -1.90
CA ARG B 125 -14.52 12.59 -1.69
C ARG B 125 -13.88 13.87 -1.18
N SER B 126 -13.24 13.82 -0.04
CA SER B 126 -12.65 15.04 0.49
C SER B 126 -11.28 14.80 1.07
N ASP B 127 -10.31 15.62 0.66
CA ASP B 127 -8.97 15.50 1.20
C ASP B 127 -8.93 15.97 2.64
N ALA B 128 -9.85 16.86 3.00
CA ALA B 128 -9.89 17.38 4.37
C ALA B 128 -10.19 16.26 5.37
N VAL B 129 -11.02 15.29 4.95
CA VAL B 129 -11.37 14.15 5.79
C VAL B 129 -10.20 13.15 5.76
N ARG B 130 -9.77 12.84 4.55
CA ARG B 130 -8.65 11.91 4.30
C ARG B 130 -7.35 12.15 5.08
N ARG B 131 -6.88 13.39 5.15
CA ARG B 131 -5.64 13.62 5.91
C ARG B 131 -5.85 13.83 7.39
N ASN B 132 -7.08 14.01 7.82
CA ASN B 132 -7.31 14.25 9.23
C ASN B 132 -7.86 13.06 10.03
N VAL B 133 -8.37 12.05 9.32
CA VAL B 133 -8.92 10.87 9.98
C VAL B 133 -8.08 9.66 9.60
N PRO B 134 -7.31 9.14 10.55
CA PRO B 134 -6.44 8.03 10.21
C PRO B 134 -7.10 6.71 9.92
N ASN B 135 -8.24 6.44 10.54
CA ASN B 135 -8.91 5.16 10.33
C ASN B 135 -10.41 5.41 10.16
N PRO B 136 -10.78 5.88 8.96
CA PRO B 136 -12.18 6.23 8.64
C PRO B 136 -13.08 5.00 8.57
N ILE B 137 -14.26 5.11 9.17
CA ILE B 137 -15.21 3.99 9.21
C ILE B 137 -16.41 4.22 8.30
N TYR B 138 -17.27 5.18 8.63
CA TYR B 138 -18.50 5.40 7.83
C TYR B 138 -18.19 6.08 6.50
N MET B 139 -18.69 5.50 5.42
CA MET B 139 -18.54 6.09 4.08
C MET B 139 -19.86 5.89 3.39
N GLN B 140 -20.60 6.97 3.21
CA GLN B 140 -21.92 6.93 2.62
C GLN B 140 -21.77 6.80 1.12
N GLY B 141 -22.63 6.02 0.50
CA GLY B 141 -22.55 5.86 -0.94
C GLY B 141 -23.73 5.10 -1.52
N ARG B 142 -23.67 4.84 -2.83
CA ARG B 142 -24.73 4.12 -3.52
C ARG B 142 -24.08 3.18 -4.54
N GLN B 143 -24.71 2.03 -4.73
CA GLN B 143 -24.20 0.97 -5.60
C GLN B 143 -25.21 0.57 -6.67
N PHE B 144 -24.76 0.46 -7.93
CA PHE B 144 -25.67 0.18 -9.05
C PHE B 144 -25.46 -1.18 -9.68
N HIS B 145 -26.53 -1.97 -9.78
CA HIS B 145 -26.48 -3.33 -10.31
C HIS B 145 -27.17 -3.32 -11.68
N ASP B 146 -26.56 -4.01 -12.65
CA ASP B 146 -27.13 -4.14 -14.00
C ASP B 146 -26.99 -5.62 -14.29
N ILE B 147 -28.11 -6.33 -14.36
CA ILE B 147 -28.06 -7.79 -14.43
C ILE B 147 -28.78 -8.37 -15.64
N LEU B 148 -28.15 -9.34 -16.26
CA LEU B 148 -28.79 -10.06 -17.34
C LEU B 148 -28.77 -11.53 -16.89
N MET B 149 -29.94 -12.13 -16.73
CA MET B 149 -29.99 -13.53 -16.31
C MET B 149 -30.87 -14.41 -17.18
N LYS B 150 -30.47 -15.68 -17.29
CA LYS B 150 -31.18 -16.65 -18.15
C LYS B 150 -31.46 -17.93 -17.40
N VAL B 151 -32.68 -18.42 -17.53
CA VAL B 151 -33.11 -19.64 -16.87
C VAL B 151 -33.85 -20.49 -17.87
N PRO B 152 -33.37 -21.70 -18.10
CA PRO B 152 -34.09 -22.60 -19.03
C PRO B 152 -35.42 -22.98 -18.37
N LEU B 153 -36.51 -22.76 -19.10
CA LEU B 153 -37.87 -23.08 -18.65
C LEU B 153 -38.14 -24.55 -18.96
N ASP B 154 -37.47 -25.44 -18.24
CA ASP B 154 -37.56 -26.86 -18.54
C ASP B 154 -38.46 -27.69 -17.65
N ASN B 155 -39.42 -27.06 -17.01
CA ASN B 155 -40.40 -27.77 -16.23
C ASN B 155 -41.63 -26.90 -16.05
N ASN B 156 -42.75 -27.52 -15.71
CA ASN B 156 -44.00 -26.76 -15.64
C ASN B 156 -44.02 -25.68 -14.58
N ASP B 157 -43.31 -25.93 -13.48
CA ASP B 157 -43.25 -24.95 -12.40
C ASP B 157 -42.57 -23.66 -12.88
N LEU B 158 -41.48 -23.82 -13.61
CA LEU B 158 -40.78 -22.66 -14.18
C LEU B 158 -41.69 -21.88 -15.16
N ILE B 159 -42.39 -22.61 -16.02
CA ILE B 159 -43.28 -22.00 -17.01
C ILE B 159 -44.38 -21.24 -16.30
N ASP B 160 -44.99 -21.86 -15.30
CA ASP B 160 -46.03 -21.17 -14.52
C ASP B 160 -45.55 -19.88 -13.93
N THR B 161 -44.39 -19.93 -13.27
CA THR B 161 -43.84 -18.74 -12.64
C THR B 161 -43.48 -17.67 -13.65
N TRP B 162 -42.88 -18.07 -14.76
CA TRP B 162 -42.55 -17.13 -15.82
C TRP B 162 -43.80 -16.44 -16.35
N GLU B 163 -44.82 -17.22 -16.69
CA GLU B 163 -46.04 -16.62 -17.23
C GLU B 163 -46.76 -15.74 -16.23
N GLY B 164 -46.76 -16.15 -14.98
CA GLY B 164 -47.39 -15.35 -13.94
C GLY B 164 -46.67 -14.01 -13.79
N THR B 165 -45.33 -14.03 -13.92
CA THR B 165 -44.53 -12.81 -13.75
C THR B 165 -44.74 -11.85 -14.90
N VAL B 166 -44.72 -12.38 -16.13
CA VAL B 166 -44.93 -11.57 -17.33
C VAL B 166 -46.33 -10.94 -17.26
N LYS B 167 -47.30 -11.68 -16.72
CA LYS B 167 -48.64 -11.15 -16.55
C LYS B 167 -48.63 -9.99 -15.54
N ALA B 168 -47.97 -10.19 -14.40
CA ALA B 168 -47.94 -9.17 -13.35
C ALA B 168 -47.28 -7.89 -13.82
N ILE B 169 -46.13 -8.03 -14.46
CA ILE B 169 -45.38 -6.86 -14.94
C ILE B 169 -46.23 -6.00 -15.87
N GLY B 170 -46.96 -6.65 -16.78
CA GLY B 170 -47.77 -5.94 -17.76
C GLY B 170 -49.10 -5.42 -17.26
N SER B 171 -49.52 -5.88 -16.09
CA SER B 171 -50.81 -5.47 -15.55
C SER B 171 -50.73 -4.53 -14.33
N THR B 172 -49.66 -4.67 -13.55
CA THR B 172 -49.48 -3.91 -12.30
C THR B 172 -48.43 -2.82 -12.46
N GLY B 173 -48.84 -1.56 -12.33
CA GLY B 173 -47.87 -0.48 -12.42
C GLY B 173 -46.93 -0.44 -11.21
N ALA B 174 -47.40 -0.96 -10.07
CA ALA B 174 -46.63 -0.93 -8.85
C ALA B 174 -45.67 -2.10 -8.69
N PHE B 175 -45.60 -2.94 -9.72
CA PHE B 175 -44.73 -4.10 -9.68
C PHE B 175 -43.27 -3.82 -9.23
N ASN B 176 -42.69 -2.76 -9.77
CA ASN B 176 -41.30 -2.36 -9.52
C ASN B 176 -41.09 -1.92 -8.06
N ASP B 177 -42.20 -1.56 -7.43
CA ASP B 177 -42.22 -1.18 -6.04
C ASP B 177 -42.53 -2.43 -5.15
N TRP B 178 -43.70 -3.01 -5.31
CA TRP B 178 -44.11 -4.17 -4.54
C TRP B 178 -43.20 -5.41 -4.59
N ILE B 179 -42.41 -5.53 -5.64
CA ILE B 179 -41.55 -6.68 -5.77
C ILE B 179 -40.62 -6.76 -4.55
N ARG B 180 -40.33 -5.61 -3.92
CA ARG B 180 -39.45 -5.57 -2.76
C ARG B 180 -40.04 -6.31 -1.56
N ASP B 181 -41.38 -6.31 -1.42
CA ASP B 181 -42.02 -7.04 -0.32
C ASP B 181 -41.78 -8.55 -0.53
N PHE B 182 -41.71 -8.99 -1.79
CA PHE B 182 -41.51 -10.39 -2.10
C PHE B 182 -40.07 -10.83 -1.92
N TRP B 183 -39.18 -9.97 -2.40
CA TRP B 183 -37.74 -10.15 -2.40
C TRP B 183 -37.11 -10.31 -0.98
N PHE B 184 -37.46 -9.39 -0.09
CA PHE B 184 -36.89 -9.41 1.25
C PHE B 184 -37.77 -10.14 2.23
N ILE B 185 -37.91 -11.43 1.98
CA ILE B 185 -38.77 -12.33 2.75
C ILE B 185 -38.61 -12.26 4.26
N GLY B 186 -39.74 -12.32 4.95
CA GLY B 186 -39.73 -12.31 6.41
C GLY B 186 -38.98 -11.12 7.01
N PRO B 187 -38.10 -11.40 7.96
CA PRO B 187 -37.35 -10.36 8.64
C PRO B 187 -36.17 -9.75 7.86
N ALA B 188 -35.95 -10.24 6.64
CA ALA B 188 -34.91 -9.66 5.76
C ALA B 188 -35.35 -8.21 5.45
N PHE B 189 -36.65 -8.02 5.31
CA PHE B 189 -37.17 -6.70 5.12
C PHE B 189 -36.71 -5.73 6.22
N THR B 190 -36.96 -6.12 7.46
CA THR B 190 -36.65 -5.32 8.65
C THR B 190 -35.17 -5.00 8.76
N ALA B 191 -34.33 -5.97 8.40
CA ALA B 191 -32.86 -5.79 8.49
C ALA B 191 -32.32 -4.63 7.63
N LEU B 192 -33.01 -4.30 6.54
CA LEU B 192 -32.60 -3.20 5.67
C LEU B 192 -32.41 -1.92 6.48
N ASN B 193 -33.48 -1.47 7.14
CA ASN B 193 -33.42 -0.25 7.93
C ASN B 193 -32.38 -0.28 9.05
N GLU B 194 -32.30 -1.42 9.72
CA GLU B 194 -31.39 -1.64 10.84
C GLU B 194 -29.94 -1.35 10.45
N GLY B 195 -29.58 -1.65 9.21
CA GLY B 195 -28.21 -1.40 8.76
C GLY B 195 -28.06 -0.08 8.00
N GLY B 196 -29.12 0.75 7.95
CA GLY B 196 -29.04 2.06 7.24
C GLY B 196 -28.93 1.82 5.74
N GLN B 197 -29.65 0.82 5.28
CA GLN B 197 -29.58 0.39 3.90
C GLN B 197 -30.92 0.56 3.18
N ARG B 198 -30.86 1.06 1.96
CA ARG B 198 -32.07 1.30 1.16
C ARG B 198 -31.96 0.61 -0.21
N ILE B 199 -33.06 0.04 -0.68
CA ILE B 199 -33.14 -0.59 -2.01
C ILE B 199 -34.12 0.20 -2.86
N SER B 200 -33.69 0.68 -4.04
CA SER B 200 -34.57 1.46 -4.92
C SER B 200 -35.61 0.54 -5.56
N ARG B 201 -36.56 1.12 -6.28
CA ARG B 201 -37.50 0.34 -7.07
C ARG B 201 -36.66 -0.28 -8.18
N ILE B 202 -37.06 -1.41 -8.72
CA ILE B 202 -36.23 -1.98 -9.78
C ILE B 202 -36.63 -1.38 -11.15
N GLU B 203 -35.72 -1.51 -12.11
CA GLU B 203 -36.03 -1.12 -13.48
C GLU B 203 -35.92 -2.37 -14.33
N VAL B 204 -36.99 -2.66 -15.05
CA VAL B 204 -37.02 -3.86 -15.91
C VAL B 204 -36.74 -3.42 -17.34
N ASN B 205 -35.54 -3.71 -17.84
CA ASN B 205 -35.14 -3.25 -19.17
C ASN B 205 -35.53 -4.19 -20.31
N GLY B 206 -35.79 -5.45 -19.96
CA GLY B 206 -36.17 -6.44 -20.95
C GLY B 206 -36.54 -7.76 -20.31
N LEU B 207 -37.56 -8.39 -20.87
CA LEU B 207 -38.04 -9.72 -20.47
C LEU B 207 -38.34 -10.44 -21.80
N ASN B 208 -37.69 -11.57 -22.08
CA ASN B 208 -37.93 -12.26 -23.33
C ASN B 208 -37.70 -13.76 -23.23
N THR B 209 -38.43 -14.50 -24.04
CA THR B 209 -38.28 -15.95 -24.11
C THR B 209 -37.44 -16.18 -25.36
N GLU B 210 -36.28 -16.77 -25.18
CA GLU B 210 -35.38 -17.07 -26.31
C GLU B 210 -35.54 -18.55 -26.66
N SER B 211 -35.08 -18.93 -27.85
CA SER B 211 -35.10 -20.34 -28.20
C SER B 211 -33.71 -20.90 -28.04
N GLY B 212 -33.50 -21.66 -26.96
CA GLY B 212 -32.19 -22.24 -26.64
CA LYS B 214 -32.34 -27.21 -25.79
C LYS B 214 -33.77 -26.90 -25.34
N GLY B 215 -34.26 -25.71 -25.68
CA GLY B 215 -35.64 -25.33 -25.30
C GLY B 215 -35.78 -23.85 -24.98
N PRO B 216 -36.99 -23.42 -24.69
CA PRO B 216 -37.26 -22.02 -24.35
C PRO B 216 -36.45 -21.58 -23.10
N VAL B 217 -35.98 -20.32 -23.12
CA VAL B 217 -35.19 -19.76 -22.03
C VAL B 217 -35.81 -18.42 -21.66
N GLY B 218 -36.03 -18.20 -20.37
CA GLY B 218 -36.58 -16.94 -19.88
C GLY B 218 -35.40 -16.01 -19.63
N VAL B 219 -35.31 -14.91 -20.36
CA VAL B 219 -34.19 -13.97 -20.26
C VAL B 219 -34.68 -12.66 -19.70
N SER B 220 -33.99 -12.13 -18.70
CA SER B 220 -34.41 -10.83 -18.15
C SER B 220 -33.20 -9.93 -17.91
N ARG B 221 -33.42 -8.64 -18.12
CA ARG B 221 -32.40 -7.63 -17.94
C ARG B 221 -32.99 -6.58 -17.03
N TRP B 222 -32.43 -6.42 -15.83
CA TRP B 222 -32.98 -5.46 -14.88
C TRP B 222 -31.89 -4.81 -14.07
N ARG B 223 -32.25 -3.71 -13.43
CA ARG B 223 -31.30 -3.00 -12.58
C ARG B 223 -31.95 -2.55 -11.29
N PHE B 224 -31.11 -2.23 -10.31
CA PHE B 224 -31.55 -1.62 -9.05
C PHE B 224 -30.32 -0.91 -8.43
N SER B 225 -30.54 0.02 -7.52
CA SER B 225 -29.45 0.66 -6.78
C SER B 225 -29.70 0.43 -5.27
N HIS B 226 -28.63 0.48 -4.49
CA HIS B 226 -28.76 0.32 -3.06
C HIS B 226 -27.89 1.34 -2.37
N GLY B 227 -28.52 2.15 -1.50
CA GLY B 227 -27.83 3.23 -0.81
C GLY B 227 -27.47 2.75 0.62
N GLY B 228 -26.45 3.37 1.20
CA GLY B 228 -25.98 2.99 2.52
C GLY B 228 -25.52 4.27 3.19
N SER B 229 -25.93 4.45 4.44
CA SER B 229 -25.57 5.63 5.21
C SER B 229 -24.17 5.51 5.84
N GLY B 230 -23.44 4.41 5.61
CA GLY B 230 -22.06 4.33 6.12
C GLY B 230 -21.67 3.06 6.85
N MET B 231 -22.65 2.27 7.29
CA MET B 231 -22.37 1.00 7.94
C MET B 231 -22.40 -0.15 6.95
N VAL B 232 -22.93 0.08 5.76
CA VAL B 232 -23.03 -1.01 4.75
C VAL B 232 -21.65 -1.31 4.18
N ASP B 233 -20.99 -2.34 4.70
CA ASP B 233 -19.61 -2.64 4.24
C ASP B 233 -19.47 -2.87 2.74
N SER B 234 -20.51 -3.40 2.11
CA SER B 234 -20.51 -3.66 0.67
C SER B 234 -20.23 -2.35 -0.07
N ILE B 235 -20.63 -1.24 0.52
CA ILE B 235 -20.44 0.06 -0.11
C ILE B 235 -19.19 0.74 0.45
N SER B 236 -19.11 0.89 1.75
CA SER B 236 -18.00 1.62 2.35
C SER B 236 -16.63 0.97 2.23
N ARG B 237 -16.58 -0.34 1.98
CA ARG B 237 -15.30 -1.05 1.91
C ARG B 237 -15.22 -1.90 0.65
N TRP B 238 -15.83 -1.34 -0.39
CA TRP B 238 -15.89 -1.90 -1.71
C TRP B 238 -14.56 -2.49 -2.21
N ALA B 239 -13.46 -1.76 -2.12
CA ALA B 239 -12.18 -2.30 -2.61
C ALA B 239 -11.63 -3.40 -1.69
N GLU B 240 -11.60 -3.09 -0.40
CA GLU B 240 -11.07 -4.00 0.59
C GLU B 240 -11.75 -5.37 0.63
N LEU B 241 -13.06 -5.44 0.36
CA LEU B 241 -13.79 -6.72 0.45
C LEU B 241 -13.49 -7.71 -0.70
N PHE B 242 -12.78 -7.25 -1.73
CA PHE B 242 -12.40 -8.09 -2.87
C PHE B 242 -10.90 -7.87 -3.13
N PRO B 243 -10.06 -8.45 -2.28
CA PRO B 243 -8.60 -8.27 -2.43
C PRO B 243 -8.01 -9.20 -3.55
N SER B 244 -8.48 -9.04 -4.78
CA SER B 244 -8.04 -9.86 -5.91
C SER B 244 -6.53 -9.77 -6.15
N ASP B 245 -5.97 -8.59 -5.92
CA ASP B 245 -4.54 -8.36 -6.07
C ASP B 245 -3.65 -9.11 -5.11
N LYS B 246 -4.20 -9.65 -4.02
CA LYS B 246 -3.37 -10.37 -3.06
C LYS B 246 -3.58 -11.87 -3.20
N LEU B 247 -4.46 -12.26 -4.11
CA LEU B 247 -4.76 -13.67 -4.25
C LEU B 247 -3.72 -14.35 -5.15
N ASN B 248 -2.58 -14.72 -4.58
CA ASN B 248 -1.52 -15.40 -5.34
C ASN B 248 -1.69 -16.93 -5.38
N ARG B 249 -2.65 -17.47 -4.64
CA ARG B 249 -2.97 -18.90 -4.62
C ARG B 249 -4.44 -19.05 -4.17
N PRO B 250 -4.99 -20.26 -4.27
CA PRO B 250 -6.39 -20.47 -3.90
C PRO B 250 -6.66 -20.20 -2.42
N ALA B 251 -7.83 -19.64 -2.12
CA ALA B 251 -8.26 -19.41 -0.74
C ALA B 251 -9.56 -20.20 -0.56
N GLN B 252 -9.93 -20.51 0.68
CA GLN B 252 -11.20 -21.24 0.90
C GLN B 252 -11.72 -21.10 2.31
N VAL B 253 -13.02 -21.33 2.48
CA VAL B 253 -13.67 -21.32 3.80
C VAL B 253 -14.69 -22.44 3.80
N GLU B 254 -14.74 -23.18 4.90
CA GLU B 254 -15.77 -24.19 5.10
C GLU B 254 -16.40 -23.77 6.41
N ALA B 255 -17.72 -23.72 6.46
CA ALA B 255 -18.43 -23.30 7.69
C ALA B 255 -19.77 -24.07 7.75
N GLY B 256 -20.33 -24.25 8.94
CA GLY B 256 -21.59 -24.95 9.04
C GLY B 256 -22.15 -24.77 10.44
N PHE B 257 -23.48 -24.95 10.59
CA PHE B 257 -24.11 -24.90 11.90
C PHE B 257 -25.19 -25.98 11.97
N ARG B 258 -25.48 -26.42 13.19
CA ARG B 258 -26.54 -27.39 13.45
C ARG B 258 -27.38 -26.70 14.51
N SER B 259 -28.69 -26.71 14.36
CA SER B 259 -29.52 -26.06 15.37
C SER B 259 -30.89 -26.68 15.50
N ASP B 260 -31.41 -26.61 16.72
CA ASP B 260 -32.75 -27.06 17.01
C ASP B 260 -33.22 -26.32 18.25
N SER B 261 -34.32 -26.78 18.84
CA SER B 261 -34.92 -26.16 20.01
C SER B 261 -34.00 -26.14 21.22
N GLN B 262 -32.95 -26.91 21.19
CA GLN B 262 -32.05 -26.94 22.35
C GLN B 262 -30.83 -25.99 22.23
N GLY B 263 -30.38 -25.69 21.01
CA GLY B 263 -29.18 -24.88 20.92
C GLY B 263 -28.63 -24.75 19.52
N ILE B 264 -27.46 -24.12 19.44
CA ILE B 264 -26.82 -23.83 18.17
C ILE B 264 -25.39 -24.25 18.28
N GLU B 265 -24.86 -24.86 17.22
CA GLU B 265 -23.46 -25.23 17.22
C GLU B 265 -22.86 -24.82 15.89
N VAL B 266 -21.71 -24.17 15.93
CA VAL B 266 -21.16 -23.66 14.70
C VAL B 266 -19.68 -23.92 14.58
N LYS B 267 -19.23 -24.10 13.34
CA LYS B 267 -17.79 -24.31 13.07
C LYS B 267 -17.34 -23.61 11.78
N VAL B 268 -16.17 -22.98 11.85
CA VAL B 268 -15.65 -22.27 10.70
C VAL B 268 -14.18 -22.62 10.56
N ASP B 269 -13.71 -22.71 9.32
CA ASP B 269 -12.29 -22.95 9.06
C ASP B 269 -12.01 -22.39 7.71
N GLY B 270 -11.02 -21.50 7.62
CA GLY B 270 -10.71 -20.92 6.32
C GLY B 270 -9.34 -20.28 6.30
N GLU B 271 -8.91 -19.93 5.10
CA GLU B 271 -7.63 -19.30 4.86
C GLU B 271 -7.80 -18.40 3.63
N PHE B 272 -7.51 -17.12 3.77
CA PHE B 272 -7.67 -16.18 2.65
C PHE B 272 -6.86 -14.94 2.97
N PRO B 273 -6.65 -14.10 1.99
CA PRO B 273 -5.95 -12.83 2.20
C PRO B 273 -6.93 -11.75 2.72
N GLY B 274 -6.37 -10.65 3.21
CA GLY B 274 -7.20 -9.52 3.69
C GLY B 274 -7.43 -9.49 5.20
N VAL B 275 -6.82 -10.40 5.93
CA VAL B 275 -7.00 -10.46 7.38
C VAL B 275 -6.28 -9.31 8.12
N SER B 276 -5.13 -8.89 7.59
CA SER B 276 -4.37 -7.79 8.20
C SER B 276 -4.15 -6.73 7.15
N VAL B 277 -3.96 -5.48 7.57
CA VAL B 277 -3.82 -4.40 6.66
C VAL B 277 -2.81 -3.40 7.22
N ASP B 278 -2.20 -2.65 6.31
CA ASP B 278 -1.24 -1.62 6.66
C ASP B 278 -2.02 -0.59 7.50
N ALA B 279 -1.52 -0.23 8.67
CA ALA B 279 -2.20 0.76 9.49
C ALA B 279 -1.45 2.10 9.43
N GLY B 280 -0.32 2.12 8.71
CA GLY B 280 0.49 3.32 8.60
C GLY B 280 1.50 3.36 9.73
N GLY B 281 2.57 4.13 9.54
CA GLY B 281 3.61 4.27 10.55
C GLY B 281 4.44 3.03 10.79
N GLY B 282 4.41 2.08 9.88
CA GLY B 282 5.14 0.84 10.01
C GLY B 282 4.31 -0.18 10.79
N LEU B 283 3.08 0.21 11.17
CA LEU B 283 2.21 -0.70 11.90
C LEU B 283 1.20 -1.44 11.02
N ARG B 284 0.79 -2.62 11.48
CA ARG B 284 -0.27 -3.36 10.78
C ARG B 284 -1.42 -3.58 11.80
N ARG B 285 -2.65 -3.73 11.32
CA ARG B 285 -3.75 -4.04 12.22
C ARG B 285 -4.52 -5.22 11.64
N ILE B 286 -5.28 -5.92 12.48
CA ILE B 286 -6.24 -6.94 12.02
C ILE B 286 -7.31 -6.03 11.41
N LEU B 287 -7.92 -6.40 10.30
CA LEU B 287 -8.87 -5.47 9.65
C LEU B 287 -10.03 -5.03 10.56
N ASN B 288 -10.54 -3.82 10.34
CA ASN B 288 -11.66 -3.33 11.11
C ASN B 288 -12.83 -4.32 10.98
N HIS B 289 -13.54 -4.58 12.09
CA HIS B 289 -14.69 -5.49 12.04
C HIS B 289 -15.78 -4.94 11.11
N PRO B 290 -16.30 -5.74 10.17
CA PRO B 290 -17.40 -5.24 9.30
C PRO B 290 -18.63 -5.02 10.20
N LEU B 291 -19.42 -4.00 9.89
CA LEU B 291 -20.55 -3.61 10.74
C LEU B 291 -21.85 -4.38 10.52
N ILE B 292 -22.19 -4.64 9.27
CA ILE B 292 -23.41 -5.40 8.91
C ILE B 292 -23.65 -6.68 9.70
N PRO B 293 -22.66 -7.58 9.75
CA PRO B 293 -22.81 -8.82 10.50
C PRO B 293 -23.17 -8.57 11.96
N LEU B 294 -22.56 -7.57 12.58
CA LEU B 294 -22.82 -7.33 13.99
C LEU B 294 -24.22 -6.75 14.22
N VAL B 295 -24.60 -5.84 13.34
CA VAL B 295 -25.92 -5.23 13.41
C VAL B 295 -27.04 -6.26 13.10
N HIS B 296 -26.85 -7.07 12.06
CA HIS B 296 -27.85 -8.07 11.69
C HIS B 296 -27.94 -9.18 12.75
N HIS B 297 -26.82 -9.72 13.19
CA HIS B 297 -26.88 -10.73 14.24
C HIS B 297 -27.47 -10.11 15.52
N GLY B 298 -27.25 -8.81 15.71
CA GLY B 298 -27.81 -8.09 16.86
C GLY B 298 -29.31 -8.19 16.94
N MET B 299 -29.96 -8.44 15.81
CA MET B 299 -31.42 -8.63 15.77
C MET B 299 -31.88 -9.93 16.43
N VAL B 300 -30.97 -10.92 16.57
CA VAL B 300 -31.31 -12.20 17.17
C VAL B 300 -30.52 -12.47 18.44
N GLY B 301 -29.57 -11.61 18.77
CA GLY B 301 -28.68 -11.90 19.92
C GLY B 301 -29.17 -11.50 21.31
N LYS B 302 -30.38 -10.91 21.42
CA LYS B 302 -30.87 -10.40 22.69
C LYS B 302 -32.05 -11.17 23.33
N PHE B 303 -32.40 -12.38 22.83
CA PHE B 303 -33.58 -13.10 23.33
C PHE B 303 -33.33 -13.99 24.57
N ASN B 304 -32.09 -14.33 24.87
CA ASN B 304 -31.79 -15.15 26.06
C ASN B 304 -30.55 -14.62 26.77
N ASN B 305 -30.64 -14.50 28.08
CA ASN B 305 -29.52 -14.10 28.91
C ASN B 305 -28.48 -15.18 28.87
N PHE B 306 -27.21 -14.79 28.78
CA PHE B 306 -26.16 -15.81 28.73
C PHE B 306 -24.88 -15.39 29.43
N ASN B 307 -24.11 -16.39 29.82
CA ASN B 307 -22.78 -16.20 30.33
C ASN B 307 -21.85 -16.53 29.15
N VAL B 308 -20.70 -15.87 29.16
CA VAL B 308 -19.66 -16.01 28.15
C VAL B 308 -18.47 -16.83 28.65
N ASP B 309 -18.07 -17.82 27.87
CA ASP B 309 -16.89 -18.62 28.17
C ASP B 309 -16.16 -18.60 26.82
N ALA B 310 -15.38 -17.56 26.59
CA ALA B 310 -14.77 -17.31 25.29
C ALA B 310 -13.25 -17.13 25.33
N GLN B 311 -12.57 -17.53 24.26
CA GLN B 311 -11.14 -17.35 24.16
C GLN B 311 -10.71 -17.00 22.76
N LEU B 312 -9.77 -16.07 22.67
CA LEU B 312 -9.18 -15.72 21.38
C LEU B 312 -7.67 -15.93 21.40
N LYS B 313 -7.16 -16.58 20.35
CA LYS B 313 -5.75 -16.82 20.18
C LYS B 313 -5.28 -16.19 18.89
N VAL B 314 -4.25 -15.37 18.99
CA VAL B 314 -3.67 -14.69 17.80
C VAL B 314 -2.19 -15.09 17.69
N VAL B 315 -1.82 -15.70 16.58
CA VAL B 315 -0.42 -16.08 16.36
C VAL B 315 0.19 -15.19 15.31
N LEU B 316 1.15 -14.36 15.71
CA LEU B 316 1.85 -13.46 14.79
C LEU B 316 3.01 -14.18 14.07
N PRO B 317 3.45 -13.66 12.92
CA PRO B 317 4.60 -14.26 12.22
C PRO B 317 5.85 -14.05 13.13
N LYS B 318 6.85 -14.91 12.98
CA LYS B 318 8.06 -14.85 13.81
C LYS B 318 8.75 -13.47 13.80
N GLY B 319 9.09 -12.95 14.97
CA GLY B 319 9.71 -11.64 15.03
C GLY B 319 8.74 -10.43 15.15
N TYR B 320 7.43 -10.67 15.07
CA TYR B 320 6.48 -9.57 15.17
C TYR B 320 5.96 -9.49 16.57
N LYS B 321 5.61 -8.28 17.00
CA LYS B 321 5.02 -8.13 18.32
C LYS B 321 3.84 -7.15 18.39
N ILE B 322 2.95 -7.39 19.34
CA ILE B 322 1.81 -6.52 19.52
C ILE B 322 2.26 -5.21 20.18
N ARG B 323 1.94 -4.09 19.55
CA ARG B 323 2.33 -2.79 20.05
C ARG B 323 1.17 -2.20 20.81
N TYR B 324 -0.03 -2.59 20.42
CA TYR B 324 -1.21 -2.05 21.09
C TYR B 324 -2.39 -2.97 20.91
N ALA B 325 -3.08 -3.25 22.01
CA ALA B 325 -4.32 -4.03 21.97
C ALA B 325 -5.27 -3.50 23.04
N ALA B 326 -6.52 -3.25 22.68
CA ALA B 326 -7.55 -2.81 23.64
C ALA B 326 -8.89 -3.32 23.10
N PRO B 327 -9.51 -4.23 23.83
CA PRO B 327 -9.00 -4.71 25.12
C PRO B 327 -7.64 -5.44 25.08
N GLN B 328 -6.98 -5.42 26.23
CA GLN B 328 -5.67 -6.01 26.44
C GLN B 328 -5.63 -7.55 26.47
N TYR B 329 -4.59 -8.15 25.90
CA TYR B 329 -4.46 -9.61 25.95
C TYR B 329 -4.10 -10.04 27.36
N ARG B 330 -4.41 -11.27 27.72
CA ARG B 330 -4.13 -11.80 29.04
C ARG B 330 -2.72 -12.46 29.16
N SER B 331 -2.29 -13.13 28.11
CA SER B 331 -1.01 -13.80 28.15
C SER B 331 -0.37 -13.85 26.78
N GLN B 332 0.92 -14.19 26.76
CA GLN B 332 1.71 -14.24 25.53
C GLN B 332 2.81 -15.28 25.72
N ASN B 333 3.03 -16.09 24.71
CA ASN B 333 4.03 -17.10 24.77
C ASN B 333 4.71 -17.02 23.41
N LEU B 334 5.85 -16.34 23.36
CA LEU B 334 6.48 -16.07 22.07
C LEU B 334 5.55 -15.28 21.14
N GLU B 335 5.15 -15.86 20.01
CA GLU B 335 4.33 -15.09 19.06
C GLU B 335 2.83 -15.32 19.25
N GLU B 336 2.49 -16.20 20.17
CA GLU B 336 1.13 -16.52 20.47
C GLU B 336 0.54 -15.63 21.59
N TYR B 337 -0.54 -14.92 21.28
CA TYR B 337 -1.23 -14.10 22.28
C TYR B 337 -2.65 -14.64 22.52
N ARG B 338 -3.08 -14.59 23.77
CA ARG B 338 -4.41 -15.06 24.14
C ARG B 338 -5.21 -14.02 24.92
N TRP B 339 -6.52 -14.00 24.64
CA TRP B 339 -7.48 -13.16 25.35
C TRP B 339 -8.55 -14.07 25.99
N SER B 340 -8.94 -13.73 27.21
CA SER B 340 -10.03 -14.45 27.85
C SER B 340 -10.43 -13.74 29.13
N GLY B 341 -11.71 -13.80 29.46
CA GLY B 341 -12.24 -13.16 30.68
C GLY B 341 -12.15 -11.67 30.64
N GLY B 342 -12.46 -11.06 31.79
CA GLY B 342 -12.35 -9.61 31.95
C GLY B 342 -12.98 -8.80 30.84
N ALA B 343 -12.30 -7.74 30.45
CA ALA B 343 -12.78 -6.86 29.42
C ALA B 343 -13.05 -7.58 28.09
N TYR B 344 -12.34 -8.67 27.80
CA TYR B 344 -12.55 -9.37 26.52
C TYR B 344 -13.90 -10.04 26.51
N ALA B 345 -14.26 -10.62 27.64
CA ALA B 345 -15.52 -11.31 27.85
C ALA B 345 -16.68 -10.31 27.72
N ARG B 346 -16.53 -9.09 28.25
CA ARG B 346 -17.58 -8.07 28.14
C ARG B 346 -17.71 -7.59 26.70
N TRP B 347 -16.58 -7.57 25.98
CA TRP B 347 -16.61 -7.16 24.58
C TRP B 347 -17.35 -8.24 23.76
N VAL B 348 -17.15 -9.51 24.09
CA VAL B 348 -17.81 -10.61 23.36
C VAL B 348 -19.32 -10.55 23.56
N GLU B 349 -19.72 -10.34 24.81
CA GLU B 349 -21.16 -10.23 25.12
C GLU B 349 -21.72 -9.09 24.30
N HIS B 350 -21.03 -7.97 24.34
CA HIS B 350 -21.38 -6.75 23.61
C HIS B 350 -21.61 -6.98 22.10
N VAL B 351 -20.64 -7.57 21.41
CA VAL B 351 -20.77 -7.78 19.95
C VAL B 351 -21.80 -8.82 19.56
N CYS B 352 -21.95 -9.85 20.42
CA CYS B 352 -22.96 -10.91 20.18
C CYS B 352 -24.38 -10.34 20.24
N LYS B 353 -24.55 -9.25 21.00
CA LYS B 353 -25.87 -8.61 21.16
C LYS B 353 -26.11 -7.47 20.19
N GLY B 354 -25.11 -7.13 19.38
CA GLY B 354 -25.29 -6.10 18.36
C GLY B 354 -24.41 -4.87 18.49
N GLY B 355 -23.55 -4.82 19.52
CA GLY B 355 -22.68 -3.66 19.71
C GLY B 355 -21.54 -3.67 18.69
N VAL B 356 -21.04 -2.48 18.35
CA VAL B 356 -19.92 -2.36 17.38
C VAL B 356 -18.69 -1.70 18.02
N GLY B 357 -18.61 -1.68 19.35
CA GLY B 357 -17.45 -1.11 20.03
C GLY B 357 -16.15 -1.66 19.45
N GLN B 358 -15.22 -0.75 19.18
CA GLN B 358 -13.93 -1.10 18.58
C GLN B 358 -12.99 -1.97 19.42
N PHE B 359 -12.50 -3.05 18.84
CA PHE B 359 -11.49 -3.91 19.48
C PHE B 359 -10.28 -3.79 18.55
N GLU B 360 -9.30 -2.99 18.95
CA GLU B 360 -8.16 -2.73 18.07
C GLU B 360 -6.87 -3.47 18.46
N ILE B 361 -6.21 -4.01 17.43
CA ILE B 361 -4.93 -4.71 17.55
C ILE B 361 -3.96 -4.20 16.49
N LEU B 362 -2.86 -3.63 16.97
CA LEU B 362 -1.81 -3.07 16.09
C LEU B 362 -0.55 -3.87 16.41
N TYR B 363 0.13 -4.34 15.37
CA TYR B 363 1.36 -5.09 15.59
C TYR B 363 2.44 -4.62 14.58
N ALA B 364 3.69 -4.95 14.87
CA ALA B 364 4.80 -4.54 14.01
C ALA B 364 6.08 -5.32 14.31
N GLN B 365 7.05 -5.21 13.40
CA GLN B 365 8.35 -5.86 13.56
C GLN B 365 9.23 -4.98 14.44
MG BCL C . 23.13 2.03 -9.33
CHA BCL C . 22.65 -1.40 -9.06
CHB BCL C . 20.73 2.47 -6.95
CHC BCL C . 24.38 5.13 -8.73
CHD BCL C . 25.80 1.45 -11.54
NA BCL C . 21.90 0.67 -8.15
C1A BCL C . 21.75 -0.69 -8.29
C2A BCL C . 20.51 -1.22 -7.54
C3A BCL C . 19.78 0.08 -7.13
C4A BCL C . 20.85 1.15 -7.33
CMA BCL C . 18.54 0.32 -7.98
CAA BCL C . 20.95 -2.10 -6.32
CBA BCL C . 22.00 -1.44 -5.37
CGA BCL C . 23.42 -1.62 -5.81
O1A BCL C . 23.95 -2.62 -6.20
O2A BCL C . 24.16 -0.56 -5.72
NB BCL C . 22.69 3.55 -8.00
C1B BCL C . 21.67 3.54 -7.07
C2B BCL C . 21.63 4.77 -6.37
C3B BCL C . 22.73 5.53 -6.81
C4B BCL C . 23.35 4.73 -7.87
CMB BCL C . 20.52 5.18 -5.34
CAB BCL C . 23.17 6.87 -6.41
OBB BCL C . 24.07 7.49 -7.02
CBB BCL C . 22.59 7.56 -5.20
NC BCL C . 24.81 3.13 -10.06
C1C BCL C . 25.09 4.43 -9.72
C2C BCL C . 26.26 5.00 -10.46
C3C BCL C . 26.53 3.94 -11.54
C4C BCL C . 25.71 2.75 -11.05
CMC BCL C . 26.01 6.41 -10.97
CAC BCL C . 28.01 3.57 -11.79
CBC BCL C . 28.91 4.76 -12.19
ND BCL C . 24.09 0.42 -10.08
C1D BCL C . 25.14 0.28 -11.03
C2D BCL C . 25.35 -1.10 -11.36
C3D BCL C . 24.42 -1.81 -10.61
C4D BCL C . 23.67 -0.87 -9.87
CMD BCL C . 26.33 -1.62 -12.37
CAD BCL C . 23.83 -3.07 -10.37
OBD BCL C . 24.17 -4.20 -10.78
CBD BCL C . 22.66 -2.91 -9.36
CGD BCL C . 21.42 -3.43 -9.95
O1D BCL C . 20.82 -2.92 -10.87
O2D BCL C . 20.91 -4.52 -9.39
CED BCL C . 19.57 -4.88 -9.84
C1 BCL C . 25.47 -0.67 -6.34
C2 BCL C . 26.20 0.57 -5.79
C3 BCL C . 26.93 1.40 -6.57
C4 BCL C . 27.13 1.20 -8.04
C5 BCL C . 27.69 2.62 -5.99
C6 BCL C . 27.21 3.99 -6.40
C7 BCL C . 27.81 5.17 -5.63
C8 BCL C . 27.46 6.49 -6.34
C9 BCL C . 28.30 6.68 -7.62
C10 BCL C . 27.74 7.63 -5.34
C11 BCL C . 29.05 7.70 -4.56
C12 BCL C . 29.09 9.01 -3.78
C13 BCL C . 30.49 9.37 -3.23
C14 BCL C . 31.05 8.25 -2.35
C15 BCL C . 30.37 10.69 -2.46
C16 BCL C . 30.25 11.96 -3.30
C17 BCL C . 30.15 13.18 -2.38
C18 BCL C . 30.11 14.57 -3.02
C19 BCL C . 31.38 14.85 -3.83
C20 BCL C . 29.70 15.74 -2.13
MG BCL D . 15.85 8.63 0.39
CHA BCL D . 16.89 7.36 -2.69
CHB BCL D . 16.14 5.45 1.65
CHC BCL D . 15.72 9.91 3.55
CHD BCL D . 16.40 11.92 -0.82
NA BCL D . 16.41 6.68 -0.44
C1A BCL D . 16.66 6.35 -1.77
C2A BCL D . 16.68 4.88 -1.98
C3A BCL D . 16.15 4.33 -0.65
C4A BCL D . 16.24 5.51 0.27
CMA BCL D . 14.65 3.93 -0.76
CAA BCL D . 18.11 4.40 -2.30
CBA BCL D . 18.05 2.94 -2.75
CGA BCL D . 19.34 2.30 -3.08
O1A BCL D . 19.44 1.24 -3.44
O2A BCL D . 20.40 3.04 -2.90
NB BCL D . 15.98 7.83 2.29
C1B BCL D . 16.02 6.46 2.61
C2B BCL D . 15.74 6.27 4.00
C3B BCL D . 15.55 7.53 4.55
C4B BCL D . 15.80 8.49 3.48
CMB BCL D . 15.72 4.91 4.69
CAB BCL D . 15.09 7.92 5.87
OBB BCL D . 15.44 9.03 6.36
CBB BCL D . 14.05 7.11 6.61
NC BCL D . 16.06 10.61 1.22
C1C BCL D . 15.84 10.92 2.55
C2C BCL D . 15.66 12.39 2.82
C3C BCL D . 15.95 13.03 1.43
C4C BCL D . 16.14 11.82 0.53
CMC BCL D . 14.29 12.76 3.36
CAC BCL D . 17.23 13.93 1.43
CBC BCL D . 17.06 15.22 2.21
ND BCL D . 16.55 9.49 -1.34
C1D BCL D . 16.63 10.85 -1.75
C2D BCL D . 16.87 10.94 -3.15
C3D BCL D . 16.99 9.59 -3.58
C4D BCL D . 16.83 8.77 -2.47
CMD BCL D . 16.97 12.21 -3.94
CAD BCL D . 17.21 8.71 -4.70
OBD BCL D . 17.29 8.98 -5.92
CBD BCL D . 17.19 7.23 -4.21
CGD BCL D . 16.16 6.50 -4.94
O1D BCL D . 16.30 5.53 -5.61
O2D BCL D . 14.96 7.01 -4.81
CED BCL D . 13.86 6.14 -5.19
C1 BCL D . 21.68 2.38 -3.13
C2 BCL D . 22.72 3.16 -2.35
C3 BCL D . 23.84 3.55 -2.92
C4 BCL D . 24.19 3.24 -4.37
C5 BCL D . 24.94 4.31 -2.14
C6 BCL D . 24.73 5.75 -1.88
C7 BCL D . 25.73 6.25 -0.90
C8 BCL D . 26.08 7.71 -0.94
C9 BCL D . 26.84 7.99 0.36
C10 BCL D . 24.84 8.59 -0.84
C11 BCL D . 24.56 9.48 -2.06
C12 BCL D . 25.31 10.79 -1.98
C13 BCL D . 24.89 11.77 -3.10
C14 BCL D . 25.30 11.29 -4.50
C15 BCL D . 25.76 12.99 -2.75
C16 BCL D . 24.94 13.87 -1.83
C17 BCL D . 25.28 15.29 -2.24
C18 BCL D . 24.48 16.33 -1.51
C19 BCL D . 25.16 17.64 -1.90
C20 BCL D . 24.64 16.15 0.00
MG BCL E . 28.01 29.65 4.24
CHA BCL E . 31.05 29.08 2.64
CHB BCL E . 28.98 32.89 4.76
CHC BCL E . 24.80 30.48 5.01
CHD BCL E . 26.83 26.63 2.86
NA BCL E . 29.78 30.81 3.72
C1A BCL E . 30.96 30.37 3.13
C2A BCL E . 32.04 31.44 3.22
C3A BCL E . 31.25 32.70 3.61
C4A BCL E . 29.93 32.16 4.07
CMA BCL E . 31.94 33.49 4.75
CAA BCL E . 32.93 31.65 1.93
CBA BCL E . 32.21 32.34 0.74
CGA BCL E . 31.09 31.51 0.17
O1A BCL E . 31.28 30.47 -0.49
O2A BCL E . 29.84 31.89 0.42
NB BCL E . 27.02 31.40 4.77
C1B BCL E . 27.61 32.65 4.98
C2B BCL E . 26.68 33.54 5.58
C3B BCL E . 25.46 32.83 5.70
C4B BCL E . 25.71 31.51 5.18
CMB BCL E . 26.99 34.98 6.02
CAB BCL E . 24.18 33.31 6.25
OBB BCL E . 23.07 32.80 5.95
CBB BCL E . 24.11 34.46 7.22
NC BCL E . 26.11 28.70 3.97
C1C BCL E . 24.95 29.16 4.55
C2C BCL E . 23.84 28.15 4.52
C3C BCL E . 24.38 27.10 3.50
C4C BCL E . 25.88 27.41 3.52
CMC BCL E . 23.49 27.60 5.90
CAC BCL E . 23.75 27.23 2.06
CBC BCL E . 22.27 26.78 2.00
ND BCL E . 28.73 28.15 3.01
C1D BCL E . 28.19 26.93 2.59
C2D BCL E . 29.19 26.10 2.07
C3D BCL E . 30.35 26.86 2.09
C4D BCL E . 30.01 28.11 2.56
CMD BCL E . 28.99 24.67 1.57
CAD BCL E . 31.69 26.96 1.63
OBD BCL E . 32.44 26.07 1.16
CBD BCL E . 32.22 28.42 1.90
CGD BCL E . 33.46 28.34 2.68
O1D BCL E . 33.56 27.94 3.82
O2D BCL E . 34.55 28.73 2.04
CED BCL E . 35.79 28.93 2.79
C1 BCL E . 28.80 30.86 0.38
C2 BCL E . 27.52 31.52 0.94
C3 BCL E . 26.42 30.83 0.84
C4 BCL E . 26.36 29.45 0.22
C5 BCL E . 25.05 31.38 1.35
C6 BCL E . 25.02 32.85 1.80
C7 BCL E . 23.63 33.26 2.29
C8 BCL E . 23.37 34.77 2.31
C9 BCL E . 24.50 35.57 3.11
C10 BCL E . 21.97 35.05 2.90
C11 BCL E . 20.82 34.49 2.05
C12 BCL E . 20.97 34.89 0.54
C13 BCL E . 19.78 34.34 -0.30
C14 BCL E . 18.46 34.77 0.32
C15 BCL E . 19.88 32.78 -0.28
C16 BCL E . 20.88 32.16 -1.24
C16 BCL E . 20.92 32.22 -1.21
C17 BCL E . 21.27 30.70 -1.02
C17 BCL E . 20.94 30.72 -1.49
C18 BCL E . 21.85 30.10 -2.29
C18 BCL E . 22.26 30.30 -2.08
C19 BCL E . 21.85 28.58 -1.99
C19 BCL E . 22.02 30.46 -3.60
C20 BCL E . 23.25 30.61 -2.64
C20 BCL E . 22.66 28.87 -1.70
MG BCL F . 15.83 20.35 -0.85
CHA BCL F . 14.45 18.34 1.63
CHA BCL F . 14.39 18.38 1.63
CHB BCL F . 16.93 22.47 1.60
CHC BCL F . 17.99 21.73 -3.10
CHD BCL F . 15.22 17.79 -3.17
NA BCL F . 15.70 20.37 1.33
C1A BCL F . 15.05 19.45 2.17
C2A BCL F . 15.09 19.91 3.63
C3A BCL F . 15.64 21.35 3.54
C4A BCL F . 16.23 21.40 2.12
CMA BCL F . 14.57 22.41 3.80
CAA BCL F . 15.97 18.98 4.49
CBA BCL F . 17.32 18.69 3.91
CGA BCL F . 18.11 17.85 4.87
O1A BCL F . 17.80 17.54 5.95
O2A BCL F . 19.29 17.43 4.51
NB BCL F . 17.28 21.81 -0.76
C1B BCL F . 17.53 22.64 0.33
C2B BCL F . 18.49 23.61 -0.03
C3B BCL F . 18.81 23.40 -1.36
C4B BCL F . 17.99 22.33 -1.81
CMB BCL F . 19.09 24.64 0.94
CAB BCL F . 19.75 24.15 -2.15
OBB BCL F . 20.14 23.74 -3.27
CBB BCL F . 20.26 25.49 -1.66
NC BCL F . 16.49 19.83 -2.83
NC BCL F . 16.49 19.82 -2.83
C1C BCL F . 17.32 20.61 -3.60
C1C BCL F . 17.37 20.57 -3.58
C2C BCL F . 17.29 20.24 -5.06
C2C BCL F . 17.37 20.15 -5.02
C3C BCL F . 16.29 19.07 -5.10
C3C BCL F . 16.94 18.68 -4.90
C4C BCL F . 16.00 18.82 -3.63
C4C BCL F . 16.16 18.71 -3.57
CMC BCL F . 16.91 21.40 -5.99
CMC BCL F . 16.44 20.98 -5.92
CAC BCL F . 16.84 17.83 -5.80
CAC BCL F . 18.22 17.83 -4.84
CBC BCL F . 18.04 17.25 -5.10
CBC BCL F . 18.01 16.39 -4.44
ND BCL F . 14.96 18.48 -0.84
C1D BCL F . 14.75 17.53 -1.85
C2D BCL F . 14.13 16.36 -1.33
C3D BCL F . 13.90 16.64 0.04
C3D BCL F . 13.88 16.67 0.04
C4D BCL F . 14.48 17.89 0.30
C4D BCL F . 14.45 17.90 0.29
CMD BCL F . 13.82 15.09 -2.12
CAD BCL F . 13.48 16.14 1.29
CAD BCL F . 13.23 16.27 1.23
OBD BCL F . 13.11 14.98 1.63
OBD BCL F . 12.48 15.29 1.46
CBD BCL F . 13.61 17.27 2.35
CBD BCL F . 13.69 17.23 2.36
CGD BCL F . 12.33 17.79 2.80
CGD BCL F . 12.68 17.57 3.37
O1D BCL F . 11.26 17.62 2.21
O1D BCL F . 12.67 17.20 4.53
O2D BCL F . 12.44 18.48 3.95
O2D BCL F . 11.71 18.38 2.99
CED BCL F . 11.26 19.05 4.61
CED BCL F . 11.08 19.09 4.11
C1 BCL F . 19.87 16.21 5.09
C2 BCL F . 21.09 15.90 4.19
C3 BCL F . 21.45 14.68 3.85
C4 BCL F . 20.75 13.35 4.30
C5 BCL F . 22.66 14.48 2.93
C6 BCL F . 22.52 13.42 1.79
C7 BCL F . 21.16 13.36 1.15
C8 BCL F . 21.16 12.45 -0.09
C9 BCL F . 20.47 13.12 -1.30
C10 BCL F . 20.43 11.17 0.30
C11 BCL F . 20.73 10.02 -0.58
C12 BCL F . 20.12 8.77 0.01
C13 BCL F . 20.96 7.53 -0.29
C14 BCL F . 20.84 7.16 -1.77
C15 BCL F . 20.34 6.42 0.58
C16 BCL F . 20.22 6.85 2.05
C17 BCL F . 20.13 5.79 3.19
C18 BCL F . 20.45 6.42 4.56
C19 BCL F . 20.53 5.30 5.60
C20 BCL F . 19.56 7.59 5.01
MG BCL G . 35.41 21.75 -3.07
CHA BCL G . 35.75 24.63 -4.91
CHB BCL G . 34.01 23.61 -0.58
CHC BCL G . 34.09 18.89 -1.70
CHD BCL G . 36.26 19.88 -5.89
NA BCL G . 34.94 23.86 -2.83
C1A BCL G . 35.24 24.90 -3.69
C2A BCL G . 34.91 26.23 -3.07
C3A BCL G . 34.62 25.88 -1.60
C4A BCL G . 34.47 24.38 -1.64
CMA BCL G . 35.73 26.38 -0.64
CAA BCL G . 33.68 26.87 -3.75
CBA BCL G . 33.41 28.26 -3.25
CGA BCL G . 32.02 28.65 -3.46
O1A BCL G . 31.64 29.42 -4.21
O2A BCL G . 31.23 28.09 -2.68
NB BCL G . 34.25 21.30 -1.42
C1B BCL G . 33.85 22.22 -0.44
C2B BCL G . 33.27 21.56 0.67
C3B BCL G . 33.30 20.19 0.39
C4B BCL G . 33.90 20.07 -0.95
CMB BCL G . 32.70 22.28 1.91
CAB BCL G . 32.87 19.07 1.25
OBB BCL G . 33.27 17.88 1.05
CBB BCL G . 31.97 19.34 2.45
NC BCL G . 35.25 19.68 -3.69
C1C BCL G . 34.53 18.70 -3.02
C2C BCL G . 34.59 17.36 -3.69
C3C BCL G . 35.52 17.60 -4.88
C4C BCL G . 35.62 19.14 -4.90
CMC BCL G . 35.10 16.20 -2.77
CAC BCL G . 34.90 17.01 -6.21
CBC BCL G . 34.82 15.48 -6.28
ND BCL G . 35.86 22.12 -5.01
C1D BCL G . 36.39 21.31 -6.01
C2D BCL G . 36.81 22.06 -7.13
C3D BCL G . 36.63 23.39 -6.76
C4D BCL G . 36.03 23.38 -5.49
CMD BCL G . 37.31 21.50 -8.44
CAD BCL G . 36.82 24.76 -7.10
OBD BCL G . 37.40 25.26 -8.06
CBD BCL G . 36.12 25.63 -6.04
CGD BCL G . 37.02 26.73 -5.62
O1D BCL G . 38.14 26.53 -5.20
O2D BCL G . 36.53 27.96 -5.69
CED BCL G . 37.35 29.01 -5.12
C1 BCL G . 29.83 28.54 -2.82
C2 BCL G . 29.04 27.36 -2.36
C3 BCL G . 28.12 26.95 -3.15
C4 BCL G . 27.79 27.63 -4.45
C5 BCL G . 27.24 25.73 -2.84
C6 BCL G . 25.86 26.07 -2.34
C7 BCL G . 25.54 25.22 -1.14
C8 BCL G . 25.33 23.77 -1.50
C9 BCL G . 25.03 23.73 -2.99
C10 BCL G . 24.11 23.35 -0.70
C11 BCL G . 24.51 23.01 0.72
C12 BCL G . 23.77 21.76 1.18
C13 BCL G . 23.72 21.56 2.70
C14 BCL G . 23.94 20.08 3.05
C15 BCL G . 22.23 21.86 2.98
C16 BCL G . 21.85 22.17 4.39
C17 BCL G . 21.69 23.68 4.58
C18 BCL G . 20.24 24.01 4.57
C19 BCL G . 20.17 25.10 5.63
C20 BCL G . 19.47 22.77 4.96
MG BCL H . 24.23 15.13 -9.51
CHA BCL H . 27.30 14.19 -10.80
CHB BCL H . 25.04 18.40 -10.17
CHC BCL H . 21.58 16.09 -7.63
CHD BCL H . 23.96 11.94 -8.07
NA BCL H . 25.97 16.13 -10.35
C1A BCL H . 27.14 15.55 -10.85
C2A BCL H . 27.99 16.58 -11.58
C3A BCL H . 27.36 17.93 -11.12
C4A BCL H . 26.04 17.52 -10.56
CMA BCL H . 28.21 18.57 -10.03
CAA BCL H . 27.83 16.29 -13.06
CBA BCL H . 28.60 17.15 -14.04
CGA BCL H . 30.08 17.08 -13.99
O1A BCL H . 30.76 17.22 -14.85
O2A BCL H . 30.69 16.96 -12.87
NB BCL H . 23.51 16.95 -8.89
C1B BCL H . 23.84 18.17 -9.46
C2B BCL H . 22.79 19.12 -9.30
C3B BCL H . 21.77 18.49 -8.58
C3B BCL H . 21.79 18.49 -8.55
C4B BCL H . 22.28 17.14 -8.29
CMB BCL H . 22.81 20.54 -9.88
CAB BCL H . 20.46 19.04 -8.24
CAB BCL H . 20.52 18.96 -8.06
OBB BCL H . 19.39 18.35 -8.18
OBB BCL H . 19.64 18.15 -7.67
CBB BCL H . 20.30 20.53 -8.02
CBB BCL H . 20.18 20.45 -8.03
NC BCL H . 23.01 14.18 -8.00
C1C BCL H . 21.86 14.73 -7.51
C1C BCL H . 21.98 14.80 -7.33
C2C BCL H . 20.97 13.73 -6.84
C2C BCL H . 21.40 13.96 -6.23
C3C BCL H . 21.94 12.56 -6.63
C3C BCL H . 22.23 12.65 -6.31
C4C BCL H . 22.99 12.84 -7.68
C4C BCL H . 23.12 12.89 -7.52
CMC BCL H . 20.39 14.24 -5.53
CMC BCL H . 21.44 14.64 -4.84
CAC BCL H . 21.31 11.14 -6.70
CAC BCL H . 21.38 11.36 -6.45
CBC BCL H . 20.76 10.69 -5.36
CBC BCL H . 20.54 11.06 -5.23
ND BCL H . 25.35 13.44 -9.40
C1D BCL H . 25.13 12.17 -8.82
C2D BCL H . 26.14 11.22 -9.19
C3D BCL H . 27.04 11.96 -9.97
C4D BCL H . 26.55 13.30 -10.03
CMD BCL H . 26.19 9.75 -8.84
CAD BCL H . 28.22 11.92 -10.77
OBD BCL H . 29.00 10.99 -10.99
CBD BCL H . 28.50 13.35 -11.29
CGD BCL H . 29.84 13.78 -10.81
O1D BCL H . 30.84 13.61 -11.44
O2D BCL H . 29.90 14.38 -9.61
CED BCL H . 31.22 14.81 -9.18
C1 BCL H . 32.12 16.65 -12.82
C2 BCL H . 32.65 17.48 -11.63
C3 BCL H . 33.63 17.09 -10.86
C4 BCL H . 34.39 15.79 -10.99
C5 BCL H . 34.14 17.96 -9.71
C6 BCL H . 33.43 19.30 -9.49
C7 BCL H . 32.45 19.17 -8.39
C8 BCL H . 31.58 20.33 -7.89
C9 BCL H . 30.88 21.05 -9.02
C10 BCL H . 32.37 21.23 -6.92
C11 BCL H . 31.73 21.05 -5.54
C12 BCL H . 31.91 22.30 -4.76
C13 BCL H . 30.76 22.57 -3.79
C14 BCL H . 31.03 23.74 -2.85
C15 BCL H . 30.34 21.35 -2.95
C15 BCL H . 30.61 21.23 -3.03
C16 BCL H . 29.26 21.60 -1.88
C16 BCL H . 29.86 21.01 -1.70
C17 BCL H . 28.20 20.50 -1.74
C17 BCL H . 29.89 19.52 -1.36
C18 BCL H . 27.73 20.31 -0.30
C18 BCL H . 28.58 19.20 -0.70
C19 BCL H . 29.01 20.37 0.55
C19 BCL H . 28.20 20.66 -0.36
C20 BCL H . 26.97 19.01 -0.01
C20 BCL H . 28.64 18.38 0.60
MG BCL I . 32.73 6.97 -12.10
CHA BCL I . 33.40 10.12 -10.83
CHB BCL I . 31.79 6.00 -8.91
CHC BCL I . 32.58 3.76 -13.11
CHD BCL I . 34.88 7.66 -14.80
NA BCL I . 32.62 7.97 -10.17
C1A BCL I . 32.88 9.29 -9.87
C2A BCL I . 32.37 9.66 -8.50
C3A BCL I . 32.09 8.29 -7.85
C4A BCL I . 32.13 7.34 -9.00
CMA BCL I . 33.13 7.90 -6.75
CAA BCL I . 31.10 10.55 -8.55
CBA BCL I . 30.89 11.20 -7.13
CGA BCL I . 29.53 11.70 -6.88
O1A BCL I . 28.57 11.08 -6.79
O2A BCL I . 29.42 13.01 -6.71
NB BCL I . 32.23 5.18 -11.18
C1B BCL I . 31.86 4.96 -9.85
C2B BCL I . 31.44 3.63 -9.67
C3B BCL I . 31.70 2.94 -10.83
C4B BCL I . 32.20 3.95 -11.77
CMB BCL I . 30.82 3.09 -8.40
CAB BCL I . 31.48 1.55 -11.09
OBB BCL I . 30.69 0.91 -10.42
CBB BCL I . 32.18 0.81 -12.23
NC BCL I . 33.62 5.87 -13.68
C1C BCL I . 33.35 4.55 -13.95
C2C BCL I . 33.61 4.20 -15.39
C3C BCL I . 34.72 5.25 -15.71
C4C BCL I . 34.39 6.36 -14.74
CMC BCL I . 34.07 2.77 -15.58
CAC BCL I . 34.88 5.58 -17.19
CBC BCL I . 36.35 5.75 -17.58
ND BCL I . 33.96 8.50 -12.71
C1D BCL I . 34.66 8.75 -13.88
C2D BCL I . 35.11 10.10 -13.95
C3D BCL I . 34.63 10.71 -12.81
C4D BCL I . 33.95 9.72 -12.08
CMD BCL I . 35.96 10.73 -15.08
CAD BCL I . 34.54 11.92 -12.02
OBD BCL I . 35.07 13.05 -12.19
CBD BCL I . 33.72 11.62 -10.73
CGD BCL I . 34.48 12.06 -9.53
O1D BCL I . 34.20 12.98 -8.76
O2D BCL I . 35.59 11.36 -9.28
CED BCL I . 36.32 11.74 -8.10
C1 BCL I . 28.11 13.62 -6.89
C2 BCL I . 28.38 15.04 -6.55
C3 BCL I . 27.44 15.90 -6.25
C4 BCL I . 25.95 15.57 -6.20
C5 BCL I . 27.86 17.36 -5.86
C6 BCL I . 26.94 18.47 -6.34
C7 BCL I . 27.44 19.85 -5.90
C8 BCL I . 26.32 20.85 -6.22
C8 BCL I . 26.63 20.89 -6.67
C9 BCL I . 26.86 22.29 -6.43
C9 BCL I . 27.03 22.35 -6.36
C10 BCL I . 25.28 20.82 -5.11
C10 BCL I . 25.14 20.66 -6.37
C11 BCL I . 23.95 21.31 -5.74
C11 BCL I . 24.36 20.89 -5.09
C12 BCL I . 22.77 21.30 -4.78
C12 BCL I . 23.27 19.80 -4.87
C13 BCL I . 22.51 19.98 -4.01
C13 BCL I . 22.15 20.23 -3.94
C14 BCL I . 22.26 18.74 -4.90
C14 BCL I . 22.01 21.74 -3.80
C15 BCL I . 21.22 20.29 -3.16
C15 BCL I . 22.33 19.64 -2.53
C16 BCL I . 21.19 20.18 -1.61
C16 BCL I . 20.99 18.93 -2.21
C17 BCL I . 20.51 18.89 -1.09
C17 BCL I . 20.09 19.59 -1.14
C18 BCL I . 20.55 18.41 0.36
C18 BCL I . 19.14 18.61 -0.42
C19 BCL I . 19.16 17.83 0.57
C19 BCL I . 19.28 18.94 1.07
C20 BCL I . 20.83 19.46 1.45
C20 BCL I . 19.47 17.13 -0.70
MG BCL J . -2.53 19.77 -14.09
CHA BCL J . -1.18 22.43 -12.30
CHB BCL J . -4.33 18.92 -11.35
CHC BCL J . -4.46 17.82 -16.08
CHD BCL J . -0.80 20.86 -16.92
NA BCL J . -2.75 20.63 -12.10
C1A BCL J . -1.98 21.63 -11.51
C2A BCL J . -2.23 21.73 -10.03
C3A BCL J . -3.39 20.75 -9.80
C4A BCL J . -3.48 19.99 -11.10
CMA BCL J . -3.12 19.83 -8.59
CAA BCL J . -2.54 23.15 -9.56
CBA BCL J . -3.95 23.63 -9.95
CGA BCL J . -4.69 24.31 -8.84
O1A BCL J . -5.48 25.22 -8.98
O2A BCL J . -4.39 23.79 -7.65
NB BCL J . -4.22 18.64 -13.81
C1B BCL J . -4.63 18.20 -12.54
C2B BCL J . -5.32 16.98 -12.64
C3B BCL J . -5.33 16.59 -13.99
C4B BCL J . -4.69 17.70 -14.70
CMB BCL J . -5.96 16.28 -11.44
CAB BCL J . -5.86 15.33 -14.55
OBB BCL J . -5.36 14.72 -15.53
CBB BCL J . -7.07 14.70 -13.92
NC BCL J . -2.67 19.47 -16.22
C1C BCL J . -3.46 18.52 -16.80
C2C BCL J . -3.04 18.15 -18.17
C3C BCL J . -1.77 18.99 -18.37
C4C BCL J . -1.77 19.90 -17.16
CMC BCL J . -2.86 16.65 -18.38
CAC BCL J . -1.92 19.79 -19.67
CBC BCL J . -3.37 19.92 -20.06
ND BCL J . -1.32 21.35 -14.58
C1D BCL J . -0.57 21.63 -15.73
C2D BCL J . 0.36 22.67 -15.49
C3D BCL J . 0.13 23.07 -14.17
C4D BCL J . -0.83 22.22 -13.65
CMD BCL J . 1.38 23.18 -16.46
CAD BCL J . 0.30 24.11 -13.23
OBD BCL J . 0.84 25.21 -13.35
CBD BCL J . -0.41 23.68 -11.90
CGD BCL J . 0.48 23.54 -10.74
O1D BCL J . 0.58 24.36 -9.83
O2D BCL J . 1.19 22.41 -10.72
CED BCL J . 1.96 22.06 -9.53
MG BCL K . -16.41 -11.28 13.82
CHA BCL K . -13.34 -11.52 15.37
CHB BCL K . -14.83 -10.81 10.88
CHC BCL K . -19.27 -12.24 12.20
CHD BCL K . -18.00 -12.08 16.84
NA BCL K . -14.33 -11.22 13.23
C1A BCL K . -13.23 -11.17 14.06
C2A BCL K . -11.98 -10.77 13.28
C3A BCL K . -12.54 -10.28 11.96
C4A BCL K . -13.94 -10.87 11.95
CMA BCL K . -12.50 -8.75 11.90
CAA BCL K . -10.98 -11.95 13.10
CBA BCL K . -11.58 -13.27 12.53
CGA BCL K . -12.26 -14.12 13.53
O1A BCL K . -11.82 -14.40 14.62
O2A BCL K . -13.40 -14.61 13.18
NB BCL K . -16.95 -11.57 11.85
C1B BCL K . -16.15 -11.25 10.75
C2B BCL K . -16.88 -11.45 9.55
C3B BCL K . -18.16 -11.89 9.91
C4B BCL K . -18.17 -11.95 11.37
CMB BCL K . -16.37 -11.18 8.11
CAB BCL K . -19.27 -12.29 9.09
OBB BCL K . -20.37 -12.63 9.57
CBB BCL K . -19.14 -12.45 7.57
NC BCL K . -18.36 -11.99 14.44
C1C BCL K . -19.41 -12.26 13.58
C2C BCL K . -20.66 -12.65 14.30
C3C BCL K . -20.31 -12.30 15.78
C4C BCL K . -18.83 -12.11 15.74
CMC BCL K . -21.92 -11.92 13.76
CAC BCL K . -20.79 -13.37 16.80
CBC BCL K . -22.27 -13.69 16.77
ND BCL K . -15.83 -11.82 15.67
C1D BCL K . -16.55 -12.06 16.86
C2D BCL K . -15.66 -12.20 17.98
C3D BCL K . -14.38 -12.08 17.44
C4D BCL K . -14.52 -11.80 16.08
CMD BCL K . -16.09 -12.40 19.43
CAD BCL K . -13.01 -11.95 17.75
OBD BCL K . -12.43 -12.10 18.86
CBD BCL K . -12.22 -11.60 16.43
CGD BCL K . -11.48 -10.33 16.59
O1D BCL K . -11.96 -9.23 16.68
O2D BCL K . -10.17 -10.43 16.65
CED BCL K . -9.48 -9.15 16.65
C1 BCL K . -14.13 -15.29 14.23
C2 BCL K . -15.24 -16.06 13.46
C3 BCL K . -16.55 -16.06 13.88
C4 BCL K . -17.06 -15.32 15.14
C5 BCL K . -17.63 -16.86 13.11
C6 BCL K . -18.72 -16.02 12.45
C7 BCL K . -19.63 -16.74 11.48
C8 BCL K . -20.83 -15.87 11.07
C9 BCL K . -21.90 -15.68 12.25
C10 BCL K . -21.48 -16.47 9.82
C11 BCL K . -21.78 -17.95 9.77
C12 BCL K . -22.61 -18.22 8.52
C13 BCL K . -23.30 -19.62 8.54
C14 BCL K . -22.34 -20.78 8.85
C15 BCL K . -24.02 -19.81 7.22
C16 BCL K . -25.36 -19.03 7.06
C17 BCL K . -25.99 -19.36 5.69
C18 BCL K . -27.29 -18.65 5.35
C19 BCL K . -28.42 -19.15 6.28
C20 BCL K . -27.77 -18.68 3.89
MG BCL L . -14.91 -10.42 0.13
CHA BCL L . -15.48 -9.52 3.43
CHB BCL L . -11.96 -11.80 1.14
CHC BCL L . -14.68 -11.99 -2.87
CHD BCL L . -18.22 -9.54 -0.65
NA BCL L . -13.91 -10.64 2.04
C1A BCL L . -14.25 -10.05 3.26
C2A BCL L . -13.12 -10.17 4.26
C3A BCL L . -11.94 -10.61 3.40
C4A BCL L . -12.59 -11.09 2.13
CMA BCL L . -11.03 -9.43 3.06
CAA BCL L . -13.44 -11.19 5.35
CBA BCL L . -12.46 -11.02 6.51
CGA BCL L . -12.62 -11.98 7.63
O1A BCL L . -11.94 -12.03 8.57
O2A BCL L . -13.56 -12.89 7.50
NB BCL L . -13.56 -11.72 -0.74
C1B BCL L . -12.35 -12.12 -0.17
C2B BCL L . -11.56 -12.79 -1.15
C3B BCL L . -12.30 -12.79 -2.33
C4B BCL L . -13.58 -12.18 -2.01
CMB BCL L . -10.20 -13.39 -0.88
CAB BCL L . -11.92 -13.16 -3.68
OBB BCL L . -12.74 -13.63 -4.47
CBB BCL L . -10.54 -12.80 -4.18
NC BCL L . -16.25 -10.70 -1.51
C1C BCL L . -15.92 -11.33 -2.69
C2C BCL L . -16.93 -11.14 -3.79
C3C BCL L . -18.12 -10.44 -3.05
C4C BCL L . -17.52 -10.16 -1.67
CMC BCL L . -16.42 -10.33 -4.99
CAC BCL L . -19.40 -11.36 -2.97
CBC BCL L . -20.09 -11.50 -4.33
ND BCL L . -16.56 -9.77 1.14
C1D BCL L . -17.83 -9.36 0.71
C2D BCL L . -18.56 -8.72 1.76
C3D BCL L . -17.69 -8.76 2.89
C4D BCL L . -16.50 -9.35 2.46
CMD BCL L . -19.95 -8.14 1.63
CAD BCL L . -17.48 -8.37 4.25
OBD BCL L . -18.19 -7.71 5.03
CBD BCL L . -16.06 -8.87 4.71
CGD BCL L . -15.30 -7.73 5.23
O1D BCL L . -14.84 -7.59 6.31
O2D BCL L . -15.15 -6.78 4.34
CED BCL L . -14.04 -5.86 4.53
C1 BCL L . -13.78 -13.77 8.66
C2 BCL L . -14.56 -14.96 8.09
C3 BCL L . -15.54 -15.43 8.78
C4 BCL L . -15.94 -14.90 10.15
C5 BCL L . -16.39 -16.66 8.30
C6 BCL L . -17.36 -16.45 7.16
C7 BCL L . -17.81 -17.76 6.60
C8 BCL L . -19.19 -17.77 6.00
C9 BCL L . -19.28 -19.09 5.28
C10 BCL L . -19.32 -16.73 4.89
C11 BCL L . -20.37 -15.67 5.15
C12 BCL L . -21.74 -16.10 4.67
C13 BCL L . -22.78 -14.99 4.75
C14 BCL L . -23.10 -14.56 6.19
C15 BCL L . -24.00 -15.69 4.20
C16 BCL L . -24.02 -15.44 2.70
C17 BCL L . -25.47 -15.25 2.32
C18 BCL L . -25.68 -14.92 0.86
C19 BCL L . -27.20 -14.98 0.66
C20 BCL L . -25.07 -16.05 0.02
MG BCL M . -35.87 -19.19 -9.18
CHA BCL M . -37.36 -20.70 -6.41
CHB BCL M . -38.72 -19.83 -10.96
CHC BCL M . -34.82 -17.03 -11.60
CHD BCL M . -33.39 -17.90 -7.03
NA BCL M . -37.79 -20.14 -8.71
C1A BCL M . -38.22 -20.71 -7.51
C2A BCL M . -39.50 -21.49 -7.71
C3A BCL M . -40.03 -20.92 -9.03
C4A BCL M . -38.83 -20.24 -9.63
CMA BCL M . -40.61 -22.04 -9.95
CAA BCL M . -40.53 -21.38 -6.55
CBA BCL M . -41.24 -19.98 -6.41
CGA BCL M . -40.31 -18.89 -6.02
O1A BCL M . -39.80 -18.80 -4.99
O2A BCL M . -39.96 -18.00 -6.94
NB BCL M . -36.67 -18.47 -10.96
C1B BCL M . -37.86 -18.88 -11.56
C2B BCL M . -37.96 -18.38 -12.88
C3B BCL M . -36.83 -17.59 -13.12
C4B BCL M . -36.04 -17.67 -11.88
CMB BCL M . -39.13 -18.70 -13.88
CAB BCL M . -36.48 -16.82 -14.31
OBB BCL M . -35.67 -15.87 -14.26
CBB BCL M . -37.01 -17.20 -15.69
NC BCL M . -34.38 -17.66 -9.26
C1C BCL M . -34.02 -17.00 -10.42
C2C BCL M . -32.73 -16.27 -10.32
C3C BCL M . -32.48 -16.28 -8.79
C4C BCL M . -33.40 -17.37 -8.32
CMC BCL M . -31.61 -16.93 -11.16
CAC BCL M . -32.80 -14.87 -8.11
CBC BCL M . -31.77 -13.78 -8.43
ND BCL M . -35.43 -19.22 -7.17
C1D BCL M . -34.31 -18.83 -6.45
C2D BCL M . -34.30 -19.38 -5.14
C3D BCL M . -35.44 -20.19 -5.08
C4D BCL M . -36.13 -20.00 -6.28
CMD BCL M . -33.27 -19.11 -4.07
CAD BCL M . -36.32 -20.91 -4.23
OBD BCL M . -36.18 -21.23 -3.03
CBD BCL M . -37.60 -21.28 -5.02
CGD BCL M . -37.82 -22.74 -4.98
O1D BCL M . -37.09 -23.55 -5.55
O2D BCL M . -38.88 -23.14 -4.28
CED BCL M . -39.23 -24.55 -4.35
C1 BCL M . -38.66 -17.32 -6.80
C2 BCL M . -38.44 -16.59 -8.11
C3 BCL M . -37.42 -15.73 -8.17
C4 BCL M . -36.46 -15.46 -6.99
C5 BCL M . -37.05 -14.90 -9.43
C6 BCL M . -38.11 -14.85 -10.52
C7 BCL M . -37.62 -14.06 -11.75
C8 BCL M . -38.73 -13.65 -12.70
C9 BCL M . -39.57 -14.89 -13.24
C10 BCL M . -38.14 -12.87 -13.89
C11 BCL M . -37.52 -11.51 -13.44
C12 BCL M . -38.46 -10.67 -12.54
C13 BCL M . -37.82 -9.32 -12.15
C14 BCL M . -37.31 -8.62 -13.43
C15 BCL M . -36.57 -9.63 -11.27
C16 BCL M . -36.88 -9.94 -9.81
C16 BCL M . -36.93 -9.95 -9.83
C17 BCL M . -35.76 -10.57 -8.96
C17 BCL M . -35.80 -10.05 -8.79
C18 BCL M . -36.01 -10.36 -7.49
C18 BCL M . -36.28 -10.80 -7.58
C19 BCL M . -34.68 -10.77 -6.83
C19 BCL M . -36.88 -9.69 -6.70
C20 BCL M . -37.17 -11.18 -6.91
C20 BCL M . -35.16 -11.57 -6.86
MG BCL N . -24.88 -7.89 -5.60
CHA BCL N . -21.69 -8.61 -6.83
CHA BCL N . -21.69 -8.57 -6.86
CHB BCL N . -26.14 -9.93 -8.07
CHC BCL N . -27.81 -8.07 -3.87
CHD BCL N . -23.40 -6.44 -2.78
NA BCL N . -24.00 -9.10 -7.23
C1A BCL N . -22.66 -9.21 -7.60
C2A BCL N . -22.49 -10.10 -8.84
C3A BCL N . -23.95 -10.25 -9.35
C4A BCL N . -24.78 -9.83 -8.16
CMA BCL N . -24.23 -9.41 -10.66
CAA BCL N . -21.81 -11.44 -8.56
CBA BCL N . -22.34 -12.18 -7.35
CGA BCL N . -21.70 -13.52 -7.24
O1A BCL N . -20.97 -13.97 -8.00
O2A BCL N . -21.98 -14.26 -6.21
NB BCL N . -26.67 -8.90 -5.85
C1B BCL N . -27.05 -9.58 -7.01
C2B BCL N . -28.39 -10.03 -6.88
C3B BCL N . -28.88 -9.51 -5.69
C4B BCL N . -27.80 -8.76 -5.11
CMB BCL N . -29.08 -10.96 -7.88
CAB BCL N . -30.22 -9.70 -5.13
OBB BCL N . -30.54 -9.38 -3.95
CBB BCL N . -31.33 -10.20 -6.04
NC BCL N . -25.50 -7.34 -3.64
NC BCL N . -25.50 -7.35 -3.63
C1C BCL N . -26.80 -7.39 -3.18
C1C BCL N . -26.78 -7.45 -3.16
C2C BCL N . -27.04 -6.55 -1.96
C2C BCL N . -26.99 -6.65 -1.90
C3C BCL N . -25.66 -5.91 -1.71
C3C BCL N . -25.55 -6.61 -1.35
C4C BCL N . -24.78 -6.60 -2.72
C4C BCL N . -24.73 -6.78 -2.63
CMC BCL N . -28.17 -5.52 -2.14
CMC BCL N . -27.60 -5.26 -2.13
CAC BCL N . -25.15 -6.11 -0.26
CAC BCL N . -25.41 -7.77 -0.32
CBC BCL N . -24.94 -7.57 0.08
CBC BCL N . -23.99 -8.05 0.10
ND BCL N . -22.98 -7.54 -4.93
C1D BCL N . -22.48 -6.88 -3.80
C2D BCL N . -21.06 -6.86 -3.79
C3D BCL N . -20.68 -7.48 -4.99
C3D BCL N . -20.69 -7.45 -4.99
C4D BCL N . -21.85 -7.91 -5.62
C4D BCL N . -21.85 -7.88 -5.63
CMD BCL N . -20.19 -6.31 -2.69
CAD BCL N . -19.59 -7.99 -5.75
CAD BCL N . -19.62 -7.73 -5.89
OBD BCL N . -18.36 -8.07 -5.48
OBD BCL N . -18.39 -7.42 -5.80
CBD BCL N . -20.18 -8.56 -7.09
CBD BCL N . -20.16 -8.65 -7.01
CGD BCL N . -19.84 -7.74 -8.26
CGD BCL N . -19.62 -8.38 -8.36
O1D BCL N . -19.48 -6.57 -8.21
O1D BCL N . -18.91 -9.15 -8.98
O2D BCL N . -20.03 -8.41 -9.41
O2D BCL N . -19.97 -7.25 -8.97
CED BCL N . -19.75 -7.76 -10.68
CED BCL N . -19.90 -7.33 -10.43
C1 BCL N . -21.01 -15.27 -5.72
C2 BCL N . -21.63 -15.72 -4.38
C3 BCL N . -20.95 -15.99 -3.30
C4 BCL N . -19.45 -15.91 -3.20
C5 BCL N . -21.66 -16.43 -2.01
C6 BCL N . -21.19 -15.80 -0.64
C7 BCL N . -20.83 -14.33 -0.76
C8 BCL N . -20.54 -13.75 0.62
C9 BCL N . -21.28 -12.40 0.77
C10 BCL N . -19.03 -13.61 0.74
C11 BCL N . -18.56 -13.45 2.15
C12 BCL N . -17.03 -13.49 2.17
C13 BCL N . -16.51 -14.16 3.43
C14 BCL N . -16.69 -13.18 4.59
C15 BCL N . -15.01 -14.35 3.17
C16 BCL N . -14.74 -15.07 1.85
C17 BCL N . -13.40 -15.83 1.57
C18 BCL N . -13.56 -16.84 0.44
C19 BCL N . -12.26 -17.66 0.43
C20 BCL N . -13.91 -16.27 -0.93
MG BCL O . -35.48 -21.80 3.65
CHA BCL O . -38.69 -20.49 3.45
CHB BCL O . -35.44 -21.93 0.25
CHC BCL O . -32.08 -22.03 3.69
CHD BCL O . -35.41 -21.05 7.06
NA BCL O . -36.88 -21.23 2.07
C1A BCL O . -38.22 -20.87 2.21
C2A BCL O . -38.92 -20.74 0.88
C3A BCL O . -37.93 -21.42 -0.08
C4A BCL O . -36.66 -21.52 0.73
CMA BCL O . -38.48 -22.78 -0.54
CAA BCL O . -39.19 -19.29 0.50
CBA BCL O . -40.02 -19.18 -0.77
CGA BCL O . -39.81 -17.92 -1.52
O1A BCL O . -40.55 -16.99 -1.61
O2A BCL O . -38.70 -17.87 -2.07
NB BCL O . -33.98 -21.97 2.22
C1B BCL O . -34.18 -22.06 0.86
C2B BCL O . -32.95 -22.34 0.19
C3B BCL O . -31.96 -22.42 1.16
C4B BCL O . -32.64 -22.07 2.42
CMB BCL O . -32.82 -22.55 -1.33
CAB BCL O . -30.55 -22.80 1.00
OBB BCL O . -29.82 -23.18 1.95
CBB BCL O . -29.91 -22.76 -0.38
NC BCL O . -33.99 -21.65 5.17
C1C BCL O . -32.64 -21.64 4.93
C2C BCL O . -31.82 -21.42 6.17
C3C BCL O . -32.87 -21.37 7.28
C4C BCL O . -34.18 -21.25 6.48
CMC BCL O . -30.81 -22.57 6.37
CAC BCL O . -32.66 -20.21 8.35
CBC BCL O . -31.37 -20.28 9.18
ND BCL O . -36.70 -20.88 4.99
C1D BCL O . -36.64 -20.79 6.40
C2D BCL O . -37.87 -20.34 6.93
C3D BCL O . -38.75 -20.24 5.82
C4D BCL O . -38.00 -20.54 4.68
CMD BCL O . -38.14 -20.05 8.39
CAD BCL O . -40.08 -20.02 5.37
OBD BCL O . -41.14 -19.88 6.03
CBD BCL O . -40.09 -19.99 3.82
CGD BCL O . -41.20 -20.80 3.32
O1D BCL O . -41.40 -21.94 3.63
O2D BCL O . -42.02 -20.22 2.46
CED BCL O . -43.02 -21.07 1.83
C1 BCL O . -38.48 -16.57 -2.77
C2 BCL O . -36.97 -16.38 -2.74
C3 BCL O . -36.55 -15.23 -2.37
C4 BCL O . -37.43 -14.09 -2.00
C5 BCL O . -35.05 -14.90 -2.29
C6 BCL O . -34.52 -14.07 -3.46
C7 BCL O . -33.25 -14.68 -3.97
C8 BCL O . -32.12 -14.50 -3.00
C9 BCL O . -32.53 -13.35 -2.05
C10 BCL O . -30.92 -14.10 -3.86
C11 BCL O . -30.28 -15.34 -4.42
C12 BCL O . -28.77 -15.22 -4.37
C13 BCL O . -28.02 -16.10 -5.38
C14 BCL O . -26.79 -16.71 -4.72
C15 BCL O . -27.50 -15.08 -6.39
C16 BCL O . -27.04 -15.53 -7.74
C17 BCL O . -28.13 -15.32 -8.79
C18 BCL O . -27.75 -14.12 -9.60
C19 BCL O . -28.16 -14.52 -11.01
C20 BCL O . -26.24 -13.96 -9.50
MG BCL P . -27.61 -10.12 7.04
CHA BCL P . -28.72 -11.91 9.83
CHB BCL P . -30.88 -9.84 6.05
CHC BCL P . -26.54 -8.98 4.04
CHD BCL P . -24.36 -11.25 7.71
NA BCL P . -29.52 -10.87 7.82
C1A BCL P . -29.76 -11.58 9.01
C2A BCL P . -31.24 -11.63 9.32
C3A BCL P . -31.89 -11.21 7.98
C4A BCL P . -30.75 -10.55 7.23
CMA BCL P . -32.47 -12.42 7.22
CAA BCL P . -31.53 -10.63 10.44
CBA BCL P . -32.97 -10.56 10.90
CGA BCL P . -33.54 -11.76 11.57
O1A BCL P . -34.25 -11.74 12.47
O2A BCL P . -33.27 -12.91 11.11
NB BCL P . -28.56 -9.61 5.27
C1B BCL P . -29.92 -9.37 5.13
C2B BCL P . -30.17 -8.53 4.03
C3B BCL P . -28.93 -8.23 3.45
C3B BCL P . -28.93 -8.27 3.43
C4B BCL P . -27.95 -8.98 4.22
CMB BCL P . -31.56 -7.98 3.65
CAB BCL P . -28.67 -7.31 2.33
CAB BCL P . -28.58 -7.48 2.26
OBB BCL P . -27.64 -6.60 2.24
OBB BCL P . -27.39 -7.15 2.06
CBB BCL P . -29.73 -7.11 1.26
CBB BCL P . -29.62 -7.02 1.27
NC BCL P . -25.76 -10.18 6.02
C1C BCL P . -25.51 -9.50 4.85
C1C BCL P . -25.54 -9.68 4.75
C2C BCL P . -24.04 -9.34 4.57
C2C BCL P . -24.20 -10.01 4.19
C3C BCL P . -23.45 -10.41 5.50
C3C BCL P . -23.53 -10.81 5.34
C4C BCL P . -24.53 -10.57 6.53
C4C BCL P . -24.56 -10.74 6.44
CMC BCL P . -23.71 -9.60 3.11
CMC BCL P . -24.27 -10.79 2.87
CAC BCL P . -22.05 -10.05 6.05
CAC BCL P . -22.16 -10.22 5.76
CBC BCL P . -20.93 -10.49 5.11
CBC BCL P . -21.10 -10.35 4.67
ND BCL P . -26.69 -11.32 8.43
C1D BCL P . -25.34 -11.66 8.66
C2D BCL P . -25.17 -12.31 9.91
C3D BCL P . -26.46 -12.47 10.43
C4D BCL P . -27.35 -11.88 9.50
CMD BCL P . -23.87 -12.76 10.51
CAD BCL P . -27.26 -12.99 11.49
OBD BCL P . -26.92 -13.64 12.52
CBD BCL P . -28.77 -12.67 11.17
CGD BCL P . -29.54 -13.94 11.16
O1D BCL P . -30.11 -14.38 12.11
O2D BCL P . -29.54 -14.61 10.01
CED BCL P . -30.27 -15.89 9.98
C1 BCL P . -33.60 -14.12 11.91
C2 BCL P . -34.11 -15.13 10.89
C3 BCL P . -33.95 -16.40 10.97
C4 BCL P . -33.26 -17.10 12.09
C5 BCL P . -34.44 -17.35 9.93
C6 BCL P . -35.10 -16.76 8.68
C7 BCL P . -34.12 -16.61 7.58
C8 BCL P . -34.45 -16.09 6.17
C9 BCL P . -35.18 -14.71 6.17
C10 BCL P . -35.16 -17.17 5.32
C11 BCL P . -34.25 -17.50 4.19
C12 BCL P . -35.09 -17.87 2.97
C13 BCL P . -34.40 -17.55 1.64
C14 BCL P . -35.09 -18.18 0.46
C15 BCL P . -32.90 -17.92 1.58
C15 BCL P . -32.96 -18.10 1.83
C16 BCL P . -32.23 -17.67 0.20
C16 BCL P . -31.95 -18.38 0.69
C17 BCL P . -30.81 -17.08 0.26
C17 BCL P . -30.59 -18.81 1.31
C18 BCL P . -29.90 -17.62 -0.85
C18 BCL P . -29.54 -18.23 0.43
C19 BCL P . -30.18 -19.13 -0.92
C19 BCL P . -30.38 -17.91 -0.81
C20 BCL P . -28.40 -17.37 -0.66
C20 BCL P . -28.40 -19.19 0.03
MG BCL Q . -25.73 -16.44 17.17
CHA BCL Q . -28.10 -17.26 14.78
CHB BCL Q . -23.32 -17.72 15.07
CHC BCL Q . -23.41 -16.17 19.64
CHD BCL Q . -28.25 -16.36 19.57
NA BCL Q . -25.75 -17.33 15.17
C1A BCL Q . -26.84 -17.56 14.33
C2A BCL Q . -26.39 -17.93 12.93
C3A BCL Q . -24.91 -18.28 13.13
C4A BCL Q . -24.61 -17.79 14.53
CMA BCL Q . -24.63 -19.78 13.03
CAA BCL Q . -26.58 -16.80 11.92
CBA BCL Q . -26.48 -17.37 10.47
CGA BCL Q . -26.18 -16.33 9.44
O1A BCL Q . -25.17 -15.69 9.34
O2A BCL Q . -27.12 -16.16 8.55
NB BCL Q . -23.71 -16.93 17.33
C1B BCL Q . -22.87 -17.37 16.33
C2B BCL Q . -21.53 -17.38 16.77
C3B BCL Q . -21.52 -17.00 18.10
C4B BCL Q . -22.91 -16.69 18.42
CMB BCL Q . -20.33 -17.74 15.90
CAB BCL Q . -20.36 -16.88 18.98
OBB BCL Q . -19.22 -16.76 18.53
CBB BCL Q . -20.50 -16.81 20.49
NC BCL Q . -25.83 -16.29 19.28
C1C BCL Q . -24.73 -16.10 20.10
C2C BCL Q . -25.13 -15.54 21.44
C3C BCL Q . -26.55 -16.11 21.55
C4C BCL Q . -26.95 -16.21 20.07
CMC BCL Q . -24.22 -15.96 22.60
CAC BCL Q . -27.47 -15.24 22.45
CBC BCL Q . -28.37 -16.18 23.26
ND BCL Q . -27.74 -16.82 17.24
C1D BCL Q . -28.69 -16.63 18.25
C2D BCL Q . -30.03 -16.73 17.73
C3D BCL Q . -29.85 -17.00 16.36
C4D BCL Q . -28.48 -17.04 16.12
CMD BCL Q . -31.35 -16.59 18.51
CAD BCL Q . -30.50 -17.21 15.11
OBD BCL Q . -31.70 -17.34 14.85
CBD BCL Q . -29.43 -17.35 14.02
CGD BCL Q . -29.68 -18.59 13.26
O1D BCL Q . -30.03 -18.63 12.10
O2D BCL Q . -29.51 -19.71 13.94
CED BCL Q . -29.72 -20.98 13.20
C1 BCL Q . -27.10 -14.91 7.78
C2 BCL Q . -28.27 -15.13 6.81
C3 BCL Q . -28.46 -14.44 5.73
C4 BCL Q . -27.52 -13.35 5.23
C5 BCL Q . -29.68 -14.77 4.78
C6 BCL Q . -30.42 -13.61 4.17
C7 BCL Q . -31.53 -14.09 3.23
C8 BCL Q . -31.96 -12.88 2.44
C8 BCL Q . -32.30 -12.84 2.86
C9 BCL Q . -33.44 -12.96 2.00
C9 BCL Q . -33.52 -13.13 1.97
C10 BCL Q . -31.05 -12.71 1.22
C10 BCL Q . -31.32 -11.91 2.15
C11 BCL Q . -31.10 -11.22 0.81
C11 BCL Q . -30.69 -12.03 0.77
C12 BCL Q . -30.20 -10.89 -0.37
C12 BCL Q . -29.27 -11.42 0.76
C13 BCL Q . -28.71 -11.30 -0.29
C13 BCL Q . -28.74 -11.04 -0.65
C14 BCL Q . -27.95 -10.68 0.91
C14 BCL Q . -29.86 -10.81 -1.67
C15 BCL Q . -28.06 -10.77 -1.60
C15 BCL Q . -27.79 -12.09 -1.20
C16 BCL Q . -27.38 -11.70 -2.63
C16 BCL Q . -26.50 -11.41 -1.61
C17 BCL Q . -25.84 -11.64 -2.57
C17 BCL Q . -26.26 -11.20 -3.13
C18 BCL Q . -24.94 -12.63 -3.32
C18 BCL Q . -24.78 -11.01 -3.51
C19 BCL Q . -23.77 -11.74 -3.76
C19 BCL Q . -24.54 -11.97 -4.68
C20 BCL Q . -25.56 -13.32 -4.56
C20 BCL Q . -23.81 -11.30 -2.36
MG BCL R . -21.37 14.40 -3.90
CHA BCL R . -23.43 12.65 -6.07
CHB BCL R . -18.82 14.04 -6.13
CHC BCL R . -19.66 16.80 -2.21
CHD BCL R . -24.09 14.88 -1.77
NA BCL R . -21.20 13.50 -5.88
C1A BCL R . -22.13 12.69 -6.53
C2A BCL R . -21.53 12.00 -7.72
C3A BCL R . -20.14 12.64 -7.84
C4A BCL R . -19.98 13.37 -6.53
CMA BCL R . -19.06 11.57 -8.06
CAA BCL R . -22.38 12.17 -9.00
CBA BCL R . -22.29 13.59 -9.60
CGA BCL R . -22.10 13.60 -11.08
O1A BCL R . -22.54 14.44 -11.85
O2A BCL R . -21.39 12.55 -11.52
NB BCL R . -19.58 15.39 -4.18
C1B BCL R . -18.56 14.90 -5.01
C2B BCL R . -17.31 15.31 -4.55
C3B BCL R . -17.50 16.05 -3.37
C4B BCL R . -18.95 16.15 -3.23
CMB BCL R . -16.02 14.99 -5.28
CAB BCL R . -16.46 16.61 -2.50
OBB BCL R . -16.54 16.69 -1.25
CBB BCL R . -15.17 17.13 -3.11
NC BCL R . -21.86 15.73 -2.30
C1C BCL R . -20.94 16.54 -1.67
C2C BCL R . -21.37 16.98 -0.33
C3C BCL R . -22.69 16.23 -0.11
C4C BCL R . -22.96 15.65 -1.47
CMC BCL R . -20.31 16.73 0.75
CAC BCL R . -23.75 17.24 0.31
CBC BCL R . -23.37 18.64 -0.12
ND BCL R . -23.36 13.99 -3.93
C1D BCL R . -24.35 14.11 -2.95
C2D BCL R . -25.52 13.37 -3.30
C3D BCL R . -25.24 12.83 -4.55
C4D BCL R . -23.93 13.16 -4.87
CMD BCL R . -26.74 13.22 -2.46
CAD BCL R . -25.80 12.27 -5.72
OBD BCL R . -27.00 12.06 -6.02
CBD BCL R . -24.64 11.99 -6.73
CGD BCL R . -24.45 10.56 -7.08
O1D BCL R . -24.80 10.07 -8.15
O2D BCL R . -23.85 9.84 -6.15
CED BCL R . -23.45 8.45 -6.46
#